data_5DX6
#
_entry.id   5DX6
#
_cell.length_a   84.800
_cell.length_b   134.010
_cell.length_c   110.772
_cell.angle_alpha   90.000
_cell.angle_beta   95.500
_cell.angle_gamma   90.000
#
_symmetry.space_group_name_H-M   'I 1 2 1'
#
loop_
_entity.id
_entity.type
_entity.pdbx_description
1 polymer 'Acetolactate synthase, catabolic'
2 non-polymer 'PHOSPHATE ION'
3 non-polymer 'MAGNESIUM ION'
4 non-polymer 3-[(4-amino-2-methylpyrimidin-5-yl)methyl]-2-[(1R)-2-fluoro-1-hydroxyethyl]-5-(2-{[(S)-hydroxy(phosphonooxy)phosphoryl]oxy}ethyl)-4-methyl-1,3-thiazol-3-ium
5 non-polymer 'THIAMINE DIPHOSPHATE'
6 non-polymer '3-fluoro-2-oxopropanoic acid'
7 water water
#
_entity_poly.entity_id   1
_entity_poly.type   'polypeptide(L)'
_entity_poly.pdbx_seq_one_letter_code
;MGSSHHHHHHSSGLVPRGSHMDKQYPVRQWAHGADLVVSQLEAQGVRQVFGIPGAKIDKVFDSLLDSSIRIIPVRHEANA
AFMAAAVGRITGKAGVALVTSGPGCSNLITGMATANSEGDPVVALGGAVKRADKAKQVHQSMDTVAMFSPVTKYAIEVTA
PDALAEVVSNAFRAAEQGRPGSAFVSLPQDVVDGPVSGKVLPASGAPQMGAAPDDAIDQVAKLIAQAKNPIFLLGLMASQ
PENSKALRRLLETSHIPVTSTYQAAGAVNQDNFSRFAGRVGLFNNQAGDRLLQLADLVICIGYSPVEYEPAMWNSGNATL
VHIDVLPAYEERNYTPDVELVGDIAGTLNKLAQNIDHRLVLSPQAAEILRDRQHQRELLDRRGAQLNQFALHPLRIVRAM
QDIVNSDVTLTVDMGSFHIWIARYLYSFRARQVMISNGQQTMGVALPWAIGAWLVNPERKVVSVSGDGGFLQSSMELETA
VRLKANVLHLIWVDNGYNMVAIQEEKKYQRLSGVEFGPMDFKAYAESFGAKGFAVESAEALEPTLRAAMDVDGPAVVAIP
VDYRDNPLLMGQLHLSQIL
;
_entity_poly.pdbx_strand_id   A,B
#
# COMPACT_ATOMS: atom_id res chain seq x y z
N PRO A 26 -4.32 -30.73 -26.69
CA PRO A 26 -4.52 -32.07 -26.14
C PRO A 26 -4.20 -32.13 -24.65
N VAL A 27 -5.20 -32.43 -23.83
CA VAL A 27 -4.99 -32.57 -22.39
C VAL A 27 -4.06 -33.76 -22.16
N ARG A 28 -2.81 -33.48 -21.79
CA ARG A 28 -1.79 -34.50 -21.52
C ARG A 28 -1.52 -34.64 -20.03
N GLN A 29 -1.07 -35.82 -19.64
CA GLN A 29 -0.56 -36.04 -18.28
C GLN A 29 0.93 -35.75 -18.29
N TRP A 30 1.37 -34.84 -17.43
CA TRP A 30 2.75 -34.41 -17.41
C TRP A 30 3.44 -34.95 -16.16
N ALA A 31 4.63 -35.51 -16.34
CA ALA A 31 5.39 -36.00 -15.19
C ALA A 31 5.83 -34.87 -14.30
N HIS A 32 6.09 -33.69 -14.88
CA HIS A 32 6.56 -32.54 -14.13
C HIS A 32 5.88 -31.29 -14.66
N GLY A 33 5.43 -30.45 -13.73
CA GLY A 33 4.88 -29.15 -14.12
C GLY A 33 5.83 -28.40 -15.02
N ALA A 34 7.13 -28.52 -14.77
CA ALA A 34 8.13 -27.85 -15.59
C ALA A 34 7.97 -28.20 -17.05
N ASP A 35 7.61 -29.45 -17.35
CA ASP A 35 7.46 -29.86 -18.74
C ASP A 35 6.31 -29.13 -19.42
N LEU A 36 5.19 -28.93 -18.70
CA LEU A 36 4.10 -28.16 -19.25
C LEU A 36 4.49 -26.71 -19.44
N VAL A 37 5.27 -26.17 -18.49
CA VAL A 37 5.77 -24.80 -18.62
C VAL A 37 6.57 -24.65 -19.90
N VAL A 38 7.51 -25.57 -20.13
CA VAL A 38 8.37 -25.47 -21.31
C VAL A 38 7.55 -25.61 -22.59
N SER A 39 6.56 -26.49 -22.59
CA SER A 39 5.75 -26.66 -23.79
C SER A 39 4.94 -25.40 -24.09
N GLN A 40 4.47 -24.73 -23.03
CA GLN A 40 3.77 -23.46 -23.21
C GLN A 40 4.72 -22.39 -23.76
N LEU A 41 5.94 -22.33 -23.23
CA LEU A 41 6.92 -21.41 -23.78
C LEU A 41 7.13 -21.63 -25.27
N GLU A 42 7.19 -22.89 -25.69
CA GLU A 42 7.36 -23.19 -27.11
C GLU A 42 6.16 -22.69 -27.92
N ALA A 43 4.95 -22.87 -27.40
CA ALA A 43 3.79 -22.37 -28.10
C ALA A 43 3.82 -20.85 -28.22
N GLN A 44 4.51 -20.17 -27.28
CA GLN A 44 4.61 -18.71 -27.31
C GLN A 44 5.72 -18.20 -28.22
N GLY A 45 6.41 -19.08 -28.96
CA GLY A 45 7.46 -18.64 -29.85
C GLY A 45 8.75 -18.25 -29.15
N VAL A 46 8.95 -18.65 -27.90
CA VAL A 46 10.16 -18.30 -27.16
C VAL A 46 11.36 -19.01 -27.77
N ARG A 47 12.40 -18.25 -28.11
CA ARG A 47 13.62 -18.82 -28.71
C ARG A 47 14.75 -18.98 -27.71
N GLN A 48 14.76 -18.17 -26.66
CA GLN A 48 15.80 -18.22 -25.64
C GLN A 48 15.16 -17.87 -24.30
N VAL A 49 15.78 -18.36 -23.23
CA VAL A 49 15.51 -17.88 -21.87
C VAL A 49 16.82 -17.35 -21.30
N PHE A 50 16.76 -16.19 -20.63
CA PHE A 50 17.91 -15.62 -19.97
C PHE A 50 17.77 -15.82 -18.46
N GLY A 51 18.85 -16.17 -17.78
CA GLY A 51 18.75 -16.13 -16.32
C GLY A 51 19.85 -16.90 -15.62
N ILE A 52 19.55 -17.25 -14.37
CA ILE A 52 20.50 -17.90 -13.47
C ILE A 52 19.74 -18.98 -12.71
N PRO A 53 20.22 -20.22 -12.72
CA PRO A 53 19.47 -21.29 -12.09
C PRO A 53 19.68 -21.32 -10.58
N GLY A 54 18.83 -22.12 -9.93
CA GLY A 54 18.91 -22.40 -8.50
C GLY A 54 18.00 -23.58 -8.22
N ALA A 55 18.12 -24.10 -7.00
CA ALA A 55 17.43 -25.35 -6.67
C ALA A 55 15.93 -25.27 -6.92
N LYS A 56 15.27 -24.19 -6.45
CA LYS A 56 13.81 -24.14 -6.53
C LYS A 56 13.33 -24.20 -7.98
N ILE A 57 14.13 -23.71 -8.92
CA ILE A 57 13.71 -23.56 -10.31
C ILE A 57 14.46 -24.49 -11.26
N ASP A 58 15.31 -25.39 -10.76
CA ASP A 58 16.21 -26.08 -11.67
C ASP A 58 15.51 -27.12 -12.52
N LYS A 59 14.30 -27.54 -12.17
CA LYS A 59 13.59 -28.46 -13.04
C LYS A 59 13.15 -27.79 -14.34
N VAL A 60 12.84 -26.49 -14.31
CA VAL A 60 12.51 -25.79 -15.56
C VAL A 60 13.74 -25.71 -16.45
N PHE A 61 14.89 -25.32 -15.88
CA PHE A 61 16.14 -25.38 -16.63
C PHE A 61 16.39 -26.77 -17.20
N ASP A 62 16.15 -27.80 -16.40
CA ASP A 62 16.37 -29.16 -16.87
C ASP A 62 15.44 -29.50 -18.02
N SER A 63 14.15 -29.14 -17.89
CA SER A 63 13.19 -29.42 -18.95
C SER A 63 13.55 -28.71 -20.25
N LEU A 64 14.20 -27.54 -20.17
CA LEU A 64 14.59 -26.83 -21.37
C LEU A 64 15.65 -27.56 -22.18
N LEU A 65 16.37 -28.50 -21.55
CA LEU A 65 17.34 -29.30 -22.30
C LEU A 65 16.66 -30.14 -23.37
N ASP A 66 15.40 -30.52 -23.15
CA ASP A 66 14.64 -31.35 -24.09
C ASP A 66 13.80 -30.54 -25.07
N SER A 67 14.01 -29.23 -25.14
CA SER A 67 13.20 -28.37 -26.01
C SER A 67 14.09 -27.69 -27.02
N SER A 68 13.46 -26.95 -27.93
CA SER A 68 14.19 -26.13 -28.88
C SER A 68 14.64 -24.80 -28.31
N ILE A 69 14.28 -24.50 -27.07
CA ILE A 69 14.56 -23.19 -26.50
C ILE A 69 15.99 -23.18 -25.97
N ARG A 70 16.75 -22.16 -26.34
CA ARG A 70 18.15 -22.06 -25.93
C ARG A 70 18.24 -21.49 -24.52
N ILE A 71 19.12 -22.08 -23.70
CA ILE A 71 19.34 -21.60 -22.34
C ILE A 71 20.54 -20.65 -22.37
N ILE A 72 20.36 -19.43 -21.90
CA ILE A 72 21.43 -18.44 -21.89
C ILE A 72 21.67 -18.00 -20.44
N PRO A 73 22.65 -18.57 -19.77
CA PRO A 73 23.03 -18.07 -18.44
C PRO A 73 23.57 -16.64 -18.55
N VAL A 74 23.08 -15.78 -17.66
CA VAL A 74 23.65 -14.45 -17.50
C VAL A 74 24.41 -14.44 -16.17
N ARG A 75 25.05 -13.31 -15.87
CA ARG A 75 25.88 -13.21 -14.67
C ARG A 75 25.27 -12.36 -13.57
N HIS A 76 24.23 -11.59 -13.87
CA HIS A 76 23.41 -10.93 -12.86
C HIS A 76 21.98 -10.92 -13.39
N GLU A 77 21.02 -11.33 -12.55
CA GLU A 77 19.63 -11.45 -12.99
C GLU A 77 19.08 -10.16 -13.54
N ALA A 78 19.50 -9.01 -12.99
CA ALA A 78 19.03 -7.74 -13.54
C ALA A 78 19.17 -7.71 -15.05
N ASN A 79 20.27 -8.24 -15.57
CA ASN A 79 20.51 -8.15 -17.00
C ASN A 79 19.72 -9.16 -17.80
N ALA A 80 19.23 -10.23 -17.16
CA ALA A 80 18.29 -11.10 -17.85
C ALA A 80 17.02 -10.34 -18.20
N ALA A 81 16.59 -9.43 -17.32
CA ALA A 81 15.41 -8.62 -17.59
C ALA A 81 15.68 -7.60 -18.69
N PHE A 82 16.87 -7.01 -18.72
CA PHE A 82 17.21 -6.05 -19.78
C PHE A 82 17.32 -6.73 -21.13
N MET A 83 17.99 -7.87 -21.19
CA MET A 83 18.09 -8.61 -22.46
C MET A 83 16.71 -9.03 -22.94
N ALA A 84 15.90 -9.56 -22.03
CA ALA A 84 14.56 -10.00 -22.40
C ALA A 84 13.75 -8.84 -22.97
N ALA A 85 13.96 -7.64 -22.42
CA ALA A 85 13.21 -6.48 -22.90
C ALA A 85 13.57 -6.14 -24.33
N ALA A 86 14.86 -6.25 -24.68
CA ALA A 86 15.26 -6.03 -26.06
C ALA A 86 14.62 -7.04 -27.01
N VAL A 87 14.57 -8.30 -26.61
CA VAL A 87 13.92 -9.33 -27.44
C VAL A 87 12.46 -9.00 -27.61
N GLY A 88 11.80 -8.58 -26.53
CA GLY A 88 10.39 -8.25 -26.60
C GLY A 88 10.11 -7.04 -27.47
N ARG A 89 10.97 -6.02 -27.38
CA ARG A 89 10.71 -4.80 -28.14
C ARG A 89 10.79 -5.06 -29.64
N ILE A 90 11.75 -5.88 -30.06
CA ILE A 90 11.94 -6.10 -31.48
C ILE A 90 10.88 -7.05 -32.01
N THR A 91 10.71 -8.21 -31.36
CA THR A 91 9.87 -9.24 -31.93
C THR A 91 8.39 -9.01 -31.67
N GLY A 92 8.04 -8.18 -30.68
CA GLY A 92 6.65 -8.09 -30.27
C GLY A 92 6.16 -9.26 -29.45
N LYS A 93 6.99 -10.28 -29.24
CA LYS A 93 6.67 -11.40 -28.37
C LYS A 93 7.59 -11.37 -27.17
N ALA A 94 7.05 -11.65 -26.00
CA ALA A 94 7.78 -11.39 -24.76
C ALA A 94 9.10 -12.13 -24.73
N GLY A 95 10.16 -11.40 -24.33
CA GLY A 95 11.36 -12.05 -23.86
C GLY A 95 11.14 -12.67 -22.49
N VAL A 96 11.97 -13.66 -22.18
CA VAL A 96 11.76 -14.51 -21.00
C VAL A 96 12.99 -14.49 -20.12
N ALA A 97 12.78 -14.19 -18.85
CA ALA A 97 13.79 -14.34 -17.81
C ALA A 97 13.37 -15.48 -16.90
N LEU A 98 14.36 -16.24 -16.41
CA LEU A 98 14.11 -17.43 -15.59
C LEU A 98 15.09 -17.42 -14.43
N VAL A 99 14.59 -17.31 -13.21
CA VAL A 99 15.43 -17.12 -12.02
C VAL A 99 14.89 -17.97 -10.89
N THR A 100 15.71 -18.11 -9.86
CA THR A 100 15.29 -18.91 -8.71
C THR A 100 14.66 -17.99 -7.67
N SER A 101 14.30 -18.59 -6.53
CA SER A 101 13.56 -17.89 -5.48
C SER A 101 14.45 -16.88 -4.76
N GLY A 102 13.80 -16.01 -3.98
CA GLY A 102 14.50 -15.09 -3.13
C GLY A 102 15.32 -14.08 -3.91
N PRO A 103 16.64 -14.04 -3.69
CA PRO A 103 17.47 -13.04 -4.36
C PRO A 103 17.44 -13.12 -5.88
N GLY A 104 17.24 -14.32 -6.44
CA GLY A 104 17.10 -14.41 -7.88
C GLY A 104 15.94 -13.56 -8.38
N CYS A 105 14.85 -13.56 -7.64
CA CYS A 105 13.70 -12.72 -7.98
C CYS A 105 13.96 -11.25 -7.66
N SER A 106 14.42 -10.94 -6.45
CA SER A 106 14.53 -9.52 -6.13
C SER A 106 15.60 -8.84 -6.97
N ASN A 107 16.57 -9.56 -7.51
CA ASN A 107 17.54 -8.95 -8.40
C ASN A 107 16.94 -8.54 -9.74
N LEU A 108 15.71 -8.95 -10.05
CA LEU A 108 15.03 -8.57 -11.29
C LEU A 108 14.31 -7.24 -11.21
N ILE A 109 14.04 -6.73 -10.01
CA ILE A 109 12.99 -5.73 -9.85
C ILE A 109 13.27 -4.48 -10.69
N THR A 110 14.49 -3.95 -10.60
CA THR A 110 14.84 -2.77 -11.42
C THR A 110 14.66 -3.05 -12.90
N GLY A 111 15.10 -4.23 -13.36
CA GLY A 111 14.96 -4.55 -14.77
C GLY A 111 13.50 -4.67 -15.20
N MET A 112 12.66 -5.22 -14.33
CA MET A 112 11.26 -5.38 -14.68
C MET A 112 10.55 -4.03 -14.70
N ALA A 113 10.94 -3.13 -13.81
CA ALA A 113 10.34 -1.78 -13.80
C ALA A 113 10.74 -1.02 -15.06
N THR A 114 11.99 -1.17 -15.48
CA THR A 114 12.45 -0.56 -16.73
C THR A 114 11.68 -1.09 -17.93
N ALA A 115 11.47 -2.41 -18.01
CA ALA A 115 10.68 -2.96 -19.10
C ALA A 115 9.26 -2.42 -19.08
N ASN A 116 8.63 -2.41 -17.90
CA ASN A 116 7.26 -1.96 -17.81
C ASN A 116 7.13 -0.50 -18.20
N SER A 117 8.09 0.32 -17.77
CA SER A 117 8.05 1.74 -18.07
CA SER A 117 8.08 1.75 -18.07
C SER A 117 8.19 2.02 -19.56
N GLU A 118 9.00 1.23 -20.26
CA GLU A 118 9.24 1.45 -21.67
C GLU A 118 8.29 0.70 -22.58
N GLY A 119 7.40 -0.11 -22.00
CA GLY A 119 6.49 -0.88 -22.81
C GLY A 119 7.06 -2.10 -23.48
N ASP A 120 8.13 -2.68 -22.91
CA ASP A 120 8.76 -3.85 -23.50
C ASP A 120 8.12 -5.12 -22.97
N PRO A 121 7.64 -6.04 -23.82
CA PRO A 121 7.02 -7.27 -23.29
C PRO A 121 8.07 -8.24 -22.75
N VAL A 122 7.94 -8.51 -21.46
CA VAL A 122 8.83 -9.41 -20.72
C VAL A 122 7.98 -10.28 -19.82
N VAL A 123 8.28 -11.57 -19.81
CA VAL A 123 7.73 -12.50 -18.83
C VAL A 123 8.89 -13.02 -18.01
N ALA A 124 8.82 -12.82 -16.71
CA ALA A 124 9.79 -13.38 -15.77
C ALA A 124 9.15 -14.53 -15.02
N LEU A 125 9.83 -15.67 -15.04
CA LEU A 125 9.43 -16.84 -14.28
C LEU A 125 10.42 -17.00 -13.15
N GLY A 126 9.91 -16.90 -11.92
CA GLY A 126 10.77 -17.00 -10.75
C GLY A 126 10.40 -18.18 -9.87
N GLY A 127 11.41 -18.93 -9.43
CA GLY A 127 11.16 -19.98 -8.48
C GLY A 127 10.65 -19.44 -7.17
N ALA A 128 10.04 -20.33 -6.40
CA ALA A 128 9.54 -20.02 -5.07
C ALA A 128 9.67 -21.28 -4.23
N VAL A 129 9.65 -21.11 -2.91
CA VAL A 129 9.67 -22.26 -2.01
C VAL A 129 8.46 -23.15 -2.26
N LYS A 130 8.57 -24.41 -1.83
CA LYS A 130 7.44 -25.33 -1.85
C LYS A 130 6.25 -24.70 -1.16
N ARG A 131 5.05 -24.98 -1.67
CA ARG A 131 3.83 -24.38 -1.13
C ARG A 131 3.71 -24.64 0.37
N ALA A 132 4.04 -25.86 0.81
CA ALA A 132 3.93 -26.20 2.23
C ALA A 132 4.87 -25.36 3.08
N ASP A 133 5.97 -24.88 2.50
CA ASP A 133 6.94 -24.05 3.23
C ASP A 133 6.60 -22.58 3.20
N LYS A 134 5.73 -22.13 2.31
CA LYS A 134 5.29 -20.74 2.34
C LYS A 134 4.54 -20.43 3.62
N ALA A 135 3.94 -21.44 4.25
CA ALA A 135 3.30 -21.24 5.55
C ALA A 135 4.34 -20.92 6.62
N LYS A 136 5.36 -21.75 6.74
CA LYS A 136 6.42 -21.54 7.74
C LYS A 136 7.23 -20.30 7.43
N MET A 142 10.35 -14.48 0.64
CA MET A 142 9.99 -13.17 0.08
C MET A 142 8.59 -13.22 -0.50
N ASP A 143 7.81 -12.19 -0.22
CA ASP A 143 6.51 -12.04 -0.87
C ASP A 143 6.75 -11.39 -2.23
N THR A 144 7.21 -12.22 -3.18
CA THR A 144 7.65 -11.68 -4.46
C THR A 144 6.49 -11.01 -5.20
N VAL A 145 5.28 -11.56 -5.11
CA VAL A 145 4.17 -10.96 -5.86
C VAL A 145 3.92 -9.53 -5.40
N ALA A 146 3.96 -9.29 -4.09
CA ALA A 146 3.76 -7.93 -3.60
C ALA A 146 4.90 -7.02 -4.02
N MET A 147 6.13 -7.55 -4.13
CA MET A 147 7.25 -6.71 -4.52
C MET A 147 7.20 -6.34 -6.00
N PHE A 148 6.68 -7.23 -6.85
CA PHE A 148 6.61 -6.99 -8.28
C PHE A 148 5.35 -6.26 -8.73
N SER A 149 4.27 -6.35 -7.97
CA SER A 149 3.03 -5.71 -8.40
C SER A 149 3.22 -4.24 -8.78
N PRO A 150 4.00 -3.44 -8.07
CA PRO A 150 4.10 -2.01 -8.44
C PRO A 150 4.88 -1.75 -9.71
N VAL A 151 5.55 -2.75 -10.30
CA VAL A 151 6.44 -2.50 -11.43
C VAL A 151 6.13 -3.47 -12.58
N THR A 152 4.98 -4.14 -12.53
CA THR A 152 4.55 -5.01 -13.60
C THR A 152 3.08 -4.74 -13.97
N LYS A 153 2.70 -5.19 -15.17
CA LYS A 153 1.29 -5.27 -15.55
C LYS A 153 0.58 -6.42 -14.86
N TYR A 154 1.34 -7.44 -14.48
CA TYR A 154 0.75 -8.71 -14.05
C TYR A 154 1.77 -9.39 -13.16
N ALA A 155 1.32 -9.82 -11.98
CA ALA A 155 2.18 -10.54 -11.05
C ALA A 155 1.32 -11.52 -10.28
N ILE A 156 1.74 -12.78 -10.26
CA ILE A 156 0.89 -13.85 -9.73
C ILE A 156 1.76 -15.03 -9.36
N GLU A 157 1.28 -15.82 -8.40
CA GLU A 157 1.93 -17.06 -7.99
C GLU A 157 1.01 -18.22 -8.30
N VAL A 158 1.57 -19.29 -8.87
CA VAL A 158 0.81 -20.51 -9.20
C VAL A 158 0.67 -21.32 -7.91
N THR A 159 -0.51 -21.28 -7.29
CA THR A 159 -0.77 -22.08 -6.10
C THR A 159 -1.60 -23.32 -6.40
N ALA A 160 -2.30 -23.35 -7.53
CA ALA A 160 -3.08 -24.50 -7.94
C ALA A 160 -2.43 -25.12 -9.17
N PRO A 161 -1.84 -26.31 -9.07
CA PRO A 161 -1.15 -26.88 -10.24
C PRO A 161 -2.06 -27.06 -11.44
N ASP A 162 -3.37 -27.22 -11.24
CA ASP A 162 -4.29 -27.37 -12.37
C ASP A 162 -4.33 -26.12 -13.26
N ALA A 163 -3.77 -25.00 -12.81
CA ALA A 163 -3.84 -23.73 -13.53
C ALA A 163 -2.51 -23.34 -14.16
N LEU A 164 -1.51 -24.23 -14.16
CA LEU A 164 -0.15 -23.84 -14.52
C LEU A 164 -0.09 -23.20 -15.91
N ALA A 165 -0.64 -23.89 -16.93
CA ALA A 165 -0.54 -23.37 -18.28
C ALA A 165 -1.38 -22.11 -18.46
N GLU A 166 -2.55 -22.05 -17.82
CA GLU A 166 -3.36 -20.84 -17.90
C GLU A 166 -2.60 -19.64 -17.36
N VAL A 167 -1.92 -19.79 -16.23
CA VAL A 167 -1.19 -18.67 -15.65
C VAL A 167 -0.09 -18.20 -16.58
N VAL A 168 0.67 -19.15 -17.16
CA VAL A 168 1.76 -18.75 -18.05
C VAL A 168 1.22 -18.04 -19.28
N SER A 169 0.19 -18.62 -19.91
CA SER A 169 -0.47 -17.96 -21.04
C SER A 169 -0.95 -16.57 -20.65
N ASN A 170 -1.61 -16.45 -19.51
CA ASN A 170 -2.10 -15.13 -19.09
C ASN A 170 -0.95 -14.14 -18.91
N ALA A 171 0.20 -14.62 -18.47
CA ALA A 171 1.34 -13.72 -18.31
C ALA A 171 1.82 -13.20 -19.67
N PHE A 172 1.89 -14.07 -20.67
CA PHE A 172 2.27 -13.62 -22.02
C PHE A 172 1.21 -12.69 -22.60
N ARG A 173 -0.06 -12.98 -22.36
CA ARG A 173 -1.12 -12.10 -22.86
C ARG A 173 -1.02 -10.73 -22.20
N ALA A 174 -0.83 -10.70 -20.89
CA ALA A 174 -0.66 -9.41 -20.23
C ALA A 174 0.57 -8.70 -20.75
N ALA A 175 1.68 -9.41 -20.92
CA ALA A 175 2.90 -8.75 -21.36
C ALA A 175 2.75 -8.18 -22.76
N GLU A 176 2.10 -8.93 -23.66
CA GLU A 176 2.14 -8.64 -25.08
C GLU A 176 0.97 -7.80 -25.58
N GLN A 177 -0.19 -7.85 -24.93
CA GLN A 177 -1.38 -7.20 -25.47
C GLN A 177 -1.48 -5.75 -25.00
N GLY A 178 -2.38 -5.00 -25.64
CA GLY A 178 -2.58 -3.63 -25.28
C GLY A 178 -1.30 -2.85 -25.44
N ARG A 179 -1.02 -1.98 -24.46
CA ARG A 179 0.28 -1.36 -24.36
C ARG A 179 1.18 -2.34 -23.61
N PRO A 180 2.19 -2.93 -24.26
CA PRO A 180 2.90 -4.06 -23.64
C PRO A 180 3.64 -3.65 -22.37
N GLY A 181 4.05 -4.66 -21.62
CA GLY A 181 4.75 -4.43 -20.37
C GLY A 181 5.28 -5.73 -19.81
N SER A 182 5.69 -5.68 -18.54
CA SER A 182 6.33 -6.83 -17.93
C SER A 182 5.34 -7.59 -17.05
N ALA A 183 5.60 -8.89 -16.89
CA ALA A 183 4.76 -9.79 -16.14
C ALA A 183 5.64 -10.76 -15.36
N PHE A 184 5.23 -11.07 -14.13
CA PHE A 184 6.00 -11.94 -13.25
C PHE A 184 5.12 -13.10 -12.80
N VAL A 185 5.66 -14.32 -12.89
CA VAL A 185 4.99 -15.53 -12.44
C VAL A 185 5.89 -16.22 -11.42
N SER A 186 5.38 -16.44 -10.22
CA SER A 186 6.10 -17.20 -9.19
C SER A 186 5.71 -18.67 -9.26
N LEU A 187 6.70 -19.54 -9.34
CA LEU A 187 6.48 -20.97 -9.55
C LEU A 187 6.99 -21.79 -8.37
N PRO A 188 6.13 -22.23 -7.46
CA PRO A 188 6.62 -23.01 -6.31
C PRO A 188 7.32 -24.28 -6.77
N GLN A 189 8.40 -24.63 -6.04
CA GLN A 189 9.23 -25.76 -6.42
C GLN A 189 8.40 -27.02 -6.62
N ASP A 190 7.49 -27.31 -5.68
CA ASP A 190 6.75 -28.56 -5.75
C ASP A 190 5.80 -28.58 -6.94
N VAL A 191 5.35 -27.41 -7.40
CA VAL A 191 4.45 -27.34 -8.54
C VAL A 191 5.17 -27.70 -9.83
N VAL A 192 6.37 -27.16 -10.02
CA VAL A 192 7.11 -27.48 -11.24
C VAL A 192 7.77 -28.84 -11.17
N ASP A 193 8.04 -29.36 -9.97
CA ASP A 193 8.66 -30.68 -9.86
C ASP A 193 7.62 -31.80 -9.98
N GLY A 194 6.44 -31.60 -9.40
CA GLY A 194 5.43 -32.63 -9.35
C GLY A 194 4.65 -32.74 -10.65
N PRO A 195 3.83 -33.78 -10.73
CA PRO A 195 3.03 -33.98 -11.94
C PRO A 195 1.83 -33.04 -11.97
N VAL A 196 1.31 -32.86 -13.18
CA VAL A 196 0.14 -32.00 -13.40
C VAL A 196 -0.68 -32.58 -14.55
N SER A 197 -1.95 -32.20 -14.57
CA SER A 197 -2.83 -32.45 -15.70
C SER A 197 -3.20 -31.11 -16.34
N GLY A 198 -3.04 -31.04 -17.66
CA GLY A 198 -3.34 -29.80 -18.35
C GLY A 198 -2.94 -29.89 -19.81
N LYS A 199 -3.12 -28.76 -20.50
CA LYS A 199 -2.85 -28.71 -21.93
C LYS A 199 -2.22 -27.37 -22.28
N VAL A 200 -1.44 -27.38 -23.36
CA VAL A 200 -0.90 -26.14 -23.89
C VAL A 200 -2.03 -25.31 -24.47
N LEU A 201 -1.86 -23.98 -24.44
CA LEU A 201 -2.83 -23.03 -24.98
C LEU A 201 -2.19 -22.26 -26.12
N PRO A 202 -2.73 -22.29 -27.35
CA PRO A 202 -2.06 -21.58 -28.45
C PRO A 202 -2.02 -20.08 -28.21
N ALA A 203 -1.03 -19.43 -28.81
CA ALA A 203 -0.86 -17.98 -28.67
C ALA A 203 -1.78 -17.22 -29.62
N PRO A 207 -3.50 -9.76 -35.33
CA PRO A 207 -4.10 -8.57 -34.72
C PRO A 207 -5.36 -8.90 -33.95
N GLN A 208 -5.52 -8.37 -32.74
CA GLN A 208 -6.67 -8.69 -31.92
C GLN A 208 -7.79 -7.66 -32.02
N MET A 209 -7.61 -6.57 -32.78
CA MET A 209 -8.62 -5.53 -32.90
C MET A 209 -8.80 -5.12 -34.35
N GLY A 210 -9.99 -4.64 -34.67
CA GLY A 210 -10.22 -4.05 -35.98
C GLY A 210 -9.96 -2.56 -35.99
N ALA A 211 -10.03 -1.97 -37.18
CA ALA A 211 -9.80 -0.55 -37.31
C ALA A 211 -10.95 0.23 -36.64
N ALA A 212 -10.65 1.48 -36.27
CA ALA A 212 -11.67 2.33 -35.69
C ALA A 212 -12.84 2.44 -36.66
N PRO A 213 -14.02 2.77 -36.17
CA PRO A 213 -15.21 2.77 -37.02
C PRO A 213 -15.15 3.81 -38.13
N ASP A 214 -15.84 3.51 -39.23
CA ASP A 214 -15.83 4.42 -40.37
C ASP A 214 -16.33 5.82 -39.99
N ASP A 215 -17.33 5.91 -39.12
CA ASP A 215 -17.85 7.24 -38.74
C ASP A 215 -16.79 8.05 -38.00
N ALA A 216 -15.99 7.38 -37.17
CA ALA A 216 -14.93 8.08 -36.45
C ALA A 216 -13.82 8.50 -37.41
N ILE A 217 -13.50 7.66 -38.39
CA ILE A 217 -12.53 8.05 -39.41
C ILE A 217 -12.99 9.30 -40.14
N ASP A 218 -14.27 9.34 -40.52
CA ASP A 218 -14.81 10.51 -41.22
C ASP A 218 -14.72 11.75 -40.34
N GLN A 219 -15.07 11.62 -39.06
CA GLN A 219 -15.01 12.74 -38.14
C GLN A 219 -13.60 13.33 -38.10
N VAL A 220 -12.58 12.48 -37.94
CA VAL A 220 -11.20 12.96 -37.90
C VAL A 220 -10.79 13.55 -39.24
N ALA A 221 -11.17 12.89 -40.34
CA ALA A 221 -10.80 13.41 -41.65
C ALA A 221 -11.37 14.80 -41.87
N LYS A 222 -12.60 15.04 -41.38
CA LYS A 222 -13.19 16.38 -41.49
C LYS A 222 -12.40 17.39 -40.69
N LEU A 223 -11.99 17.03 -39.47
CA LEU A 223 -11.19 17.95 -38.67
C LEU A 223 -9.89 18.28 -39.38
N ILE A 224 -9.26 17.28 -40.01
CA ILE A 224 -8.03 17.55 -40.73
C ILE A 224 -8.29 18.51 -41.88
N ALA A 225 -9.40 18.31 -42.59
CA ALA A 225 -9.71 19.16 -43.74
C ALA A 225 -9.90 20.62 -43.33
N GLN A 226 -10.34 20.86 -42.09
CA GLN A 226 -10.62 22.21 -41.62
C GLN A 226 -9.45 22.86 -40.88
N ALA A 227 -8.46 22.08 -40.46
CA ALA A 227 -7.39 22.60 -39.62
C ALA A 227 -6.35 23.34 -40.44
N LYS A 228 -5.85 24.46 -39.88
CA LYS A 228 -4.78 25.22 -40.48
C LYS A 228 -3.40 24.88 -39.92
N ASN A 229 -3.33 24.34 -38.71
CA ASN A 229 -2.06 23.97 -38.08
C ASN A 229 -2.19 22.63 -37.37
N PRO A 230 -2.45 21.56 -38.11
CA PRO A 230 -2.50 20.23 -37.49
C PRO A 230 -1.09 19.73 -37.21
N ILE A 231 -1.00 18.79 -36.27
CA ILE A 231 0.28 18.15 -35.99
C ILE A 231 0.00 16.77 -35.38
N PHE A 232 0.84 15.81 -35.74
CA PHE A 232 0.81 14.47 -35.15
C PHE A 232 1.79 14.43 -33.98
N LEU A 233 1.30 13.98 -32.83
CA LEU A 233 2.14 13.64 -31.68
C LEU A 233 2.17 12.12 -31.58
N LEU A 234 3.34 11.53 -31.80
CA LEU A 234 3.51 10.08 -31.81
C LEU A 234 4.02 9.61 -30.47
N GLY A 235 3.35 8.58 -29.93
CA GLY A 235 3.80 7.89 -28.75
C GLY A 235 4.19 6.45 -29.07
N LEU A 236 4.52 5.72 -28.02
CA LEU A 236 5.07 4.37 -28.12
C LEU A 236 4.44 3.52 -29.22
N MET A 237 3.12 3.39 -29.22
CA MET A 237 2.54 2.38 -30.10
C MET A 237 2.71 2.74 -31.57
N ALA A 238 2.92 4.02 -31.89
CA ALA A 238 3.16 4.41 -33.28
C ALA A 238 4.49 3.88 -33.80
N SER A 239 5.39 3.45 -32.91
CA SER A 239 6.70 2.97 -33.33
C SER A 239 6.73 1.46 -33.49
N GLN A 240 5.62 0.78 -33.26
CA GLN A 240 5.61 -0.67 -33.40
C GLN A 240 5.78 -1.05 -34.88
N PRO A 241 6.47 -2.16 -35.17
CA PRO A 241 6.71 -2.51 -36.58
C PRO A 241 5.44 -2.70 -37.38
N GLU A 242 4.38 -3.25 -36.78
CA GLU A 242 3.16 -3.47 -37.54
C GLU A 242 2.55 -2.18 -38.06
N ASN A 243 2.99 -1.02 -37.56
CA ASN A 243 2.40 0.27 -37.91
C ASN A 243 3.26 1.10 -38.84
N SER A 244 4.45 0.65 -39.22
CA SER A 244 5.38 1.53 -39.92
C SER A 244 4.87 1.86 -41.33
N LYS A 245 4.36 0.87 -42.06
CA LYS A 245 3.87 1.14 -43.41
C LYS A 245 2.66 2.07 -43.39
N ALA A 246 1.73 1.85 -42.46
CA ALA A 246 0.52 2.67 -42.40
C ALA A 246 0.84 4.09 -41.96
N LEU A 247 1.75 4.22 -41.01
CA LEU A 247 2.18 5.55 -40.59
C LEU A 247 2.80 6.29 -41.76
N ARG A 248 3.68 5.63 -42.53
CA ARG A 248 4.32 6.29 -43.65
C ARG A 248 3.29 6.73 -44.69
N ARG A 249 2.30 5.87 -44.96
CA ARG A 249 1.26 6.23 -45.93
C ARG A 249 0.46 7.43 -45.45
N LEU A 250 0.13 7.47 -44.16
CA LEU A 250 -0.62 8.61 -43.63
C LEU A 250 0.18 9.89 -43.70
N LEU A 251 1.48 9.83 -43.37
CA LEU A 251 2.32 11.02 -43.47
C LEU A 251 2.50 11.45 -44.92
N GLU A 252 2.74 10.48 -45.81
CA GLU A 252 2.92 10.83 -47.21
C GLU A 252 1.67 11.45 -47.79
N THR A 253 0.51 10.90 -47.45
CA THR A 253 -0.76 11.43 -47.95
C THR A 253 -1.02 12.81 -47.37
N SER A 254 -0.92 12.96 -46.05
CA SER A 254 -1.34 14.17 -45.38
C SER A 254 -0.27 15.25 -45.34
N HIS A 255 1.02 14.86 -45.33
CA HIS A 255 2.14 15.80 -45.14
C HIS A 255 1.95 16.69 -43.91
N ILE A 256 1.36 16.12 -42.85
CA ILE A 256 1.14 16.85 -41.60
C ILE A 256 2.42 16.75 -40.76
N PRO A 257 2.88 17.84 -40.13
CA PRO A 257 4.10 17.75 -39.32
C PRO A 257 3.98 16.71 -38.22
N VAL A 258 5.14 16.21 -37.79
CA VAL A 258 5.22 15.13 -36.82
C VAL A 258 6.20 15.50 -35.73
N THR A 259 5.81 15.25 -34.50
CA THR A 259 6.76 15.25 -33.40
C THR A 259 6.49 13.99 -32.58
N SER A 260 7.49 13.56 -31.81
CA SER A 260 7.45 12.24 -31.19
C SER A 260 7.98 12.28 -29.77
N THR A 261 7.38 11.48 -28.88
CA THR A 261 7.97 11.21 -27.58
C THR A 261 9.23 10.36 -27.75
N TYR A 262 10.01 10.26 -26.68
CA TYR A 262 11.20 9.43 -26.78
C TYR A 262 10.85 7.95 -26.88
N GLN A 263 9.72 7.53 -26.30
CA GLN A 263 9.30 6.14 -26.54
C GLN A 263 9.12 5.89 -28.02
N ALA A 264 8.70 6.92 -28.77
CA ALA A 264 8.52 6.79 -30.21
C ALA A 264 9.65 7.43 -30.99
N ALA A 265 10.85 7.51 -30.41
CA ALA A 265 11.95 8.21 -31.07
C ALA A 265 12.28 7.60 -32.41
N GLY A 266 12.04 6.32 -32.60
CA GLY A 266 12.39 5.72 -33.87
C GLY A 266 11.29 5.65 -34.91
N ALA A 267 10.08 6.16 -34.62
CA ALA A 267 8.98 6.01 -35.56
C ALA A 267 9.25 6.78 -36.84
N VAL A 268 9.77 8.00 -36.72
CA VAL A 268 10.03 8.89 -37.83
C VAL A 268 11.31 9.65 -37.50
N ASN A 269 12.06 10.05 -38.52
CA ASN A 269 13.27 10.82 -38.27
C ASN A 269 13.45 11.86 -39.37
N GLN A 270 14.37 12.80 -39.10
CA GLN A 270 14.58 13.95 -39.99
C GLN A 270 14.93 13.50 -41.40
N ASP A 271 15.70 12.42 -41.53
CA ASP A 271 16.14 11.96 -42.85
C ASP A 271 15.02 11.33 -43.67
N ASN A 272 13.92 10.91 -43.05
CA ASN A 272 12.84 10.26 -43.79
C ASN A 272 11.53 11.04 -43.83
N PHE A 273 11.46 12.23 -43.24
CA PHE A 273 10.25 13.06 -43.33
C PHE A 273 10.61 14.53 -43.20
N SER A 274 10.34 15.31 -44.25
CA SER A 274 10.80 16.69 -44.29
C SER A 274 10.12 17.57 -43.25
N ARG A 275 8.98 17.14 -42.70
CA ARG A 275 8.25 17.94 -41.73
C ARG A 275 8.32 17.34 -40.34
N PHE A 276 9.38 16.59 -40.07
CA PHE A 276 9.66 16.11 -38.72
C PHE A 276 10.08 17.28 -37.84
N ALA A 277 9.55 17.32 -36.62
CA ALA A 277 9.78 18.45 -35.73
C ALA A 277 10.56 18.07 -34.48
N GLY A 278 11.20 16.91 -34.46
CA GLY A 278 12.06 16.50 -33.38
C GLY A 278 11.30 15.71 -32.32
N ARG A 279 12.07 15.17 -31.38
CA ARG A 279 11.51 14.51 -30.21
C ARG A 279 11.23 15.54 -29.13
N VAL A 280 10.11 15.38 -28.44
CA VAL A 280 9.71 16.31 -27.39
C VAL A 280 9.79 15.59 -26.06
N GLY A 281 10.18 16.33 -25.02
CA GLY A 281 10.24 15.78 -23.69
C GLY A 281 11.50 16.14 -22.95
N LEU A 282 12.51 16.59 -23.68
CA LEU A 282 13.82 16.80 -23.07
C LEU A 282 14.36 18.20 -23.31
N PHE A 283 14.30 18.70 -24.54
CA PHE A 283 14.93 19.97 -24.88
C PHE A 283 13.88 21.08 -24.98
N ASN A 284 14.26 22.28 -24.53
CA ASN A 284 13.32 23.39 -24.39
C ASN A 284 13.19 24.22 -25.64
N ASN A 285 13.79 23.80 -26.74
CA ASN A 285 13.80 24.58 -27.96
C ASN A 285 13.42 23.71 -29.15
N GLN A 286 12.36 22.90 -29.03
CA GLN A 286 11.97 21.96 -30.07
C GLN A 286 10.83 22.53 -30.92
N ALA A 287 10.96 22.38 -32.24
CA ALA A 287 9.88 22.76 -33.15
C ALA A 287 8.58 22.06 -32.78
N GLY A 288 8.66 20.78 -32.40
CA GLY A 288 7.47 20.05 -32.01
C GLY A 288 6.66 20.76 -30.93
N ASP A 289 7.36 21.33 -29.94
CA ASP A 289 6.65 22.03 -28.88
C ASP A 289 5.98 23.29 -29.41
N ARG A 290 6.68 24.04 -30.26
CA ARG A 290 6.10 25.26 -30.81
C ARG A 290 4.90 24.93 -31.68
N LEU A 291 4.97 23.83 -32.44
CA LEU A 291 3.85 23.44 -33.26
C LEU A 291 2.69 22.95 -32.42
N LEU A 292 2.97 22.28 -31.30
CA LEU A 292 1.90 21.87 -30.41
C LEU A 292 1.21 23.07 -29.78
N GLN A 293 1.99 24.11 -29.44
CA GLN A 293 1.42 25.35 -28.92
C GLN A 293 0.61 26.09 -29.98
N LEU A 294 1.09 26.08 -31.23
CA LEU A 294 0.40 26.75 -32.31
C LEU A 294 -0.83 26.01 -32.78
N ALA A 295 -0.92 24.70 -32.51
CA ALA A 295 -1.88 23.86 -33.21
C ALA A 295 -3.32 24.24 -32.91
N ASP A 296 -4.16 24.08 -33.93
CA ASP A 296 -5.60 24.04 -33.74
C ASP A 296 -6.14 22.62 -33.78
N LEU A 297 -5.29 21.64 -34.13
CA LEU A 297 -5.65 20.22 -34.12
C LEU A 297 -4.40 19.42 -33.76
N VAL A 298 -4.50 18.58 -32.73
CA VAL A 298 -3.44 17.66 -32.34
C VAL A 298 -4.01 16.25 -32.44
N ILE A 299 -3.31 15.38 -33.15
CA ILE A 299 -3.69 13.98 -33.28
C ILE A 299 -2.60 13.16 -32.63
N CYS A 300 -2.90 12.60 -31.47
CA CYS A 300 -1.95 11.78 -30.73
C CYS A 300 -2.14 10.34 -31.16
N ILE A 301 -1.05 9.70 -31.60
CA ILE A 301 -1.11 8.34 -32.10
C ILE A 301 -0.26 7.44 -31.20
N GLY A 302 -0.91 6.48 -30.54
CA GLY A 302 -0.20 5.52 -29.72
C GLY A 302 0.37 6.12 -28.46
N TYR A 303 -0.23 7.20 -27.97
CA TYR A 303 0.36 8.03 -26.93
C TYR A 303 -0.40 7.95 -25.62
N SER A 304 0.37 7.91 -24.52
CA SER A 304 -0.13 8.02 -23.17
C SER A 304 0.54 9.20 -22.48
N PRO A 305 -0.19 9.95 -21.66
CA PRO A 305 0.40 11.13 -21.00
C PRO A 305 1.70 10.89 -20.28
N VAL A 306 1.95 9.67 -19.77
CA VAL A 306 3.19 9.40 -19.06
C VAL A 306 4.41 9.60 -19.95
N GLU A 307 4.25 9.55 -21.26
CA GLU A 307 5.39 9.69 -22.17
C GLU A 307 5.89 11.11 -22.30
N TYR A 308 5.04 12.10 -22.03
CA TYR A 308 5.42 13.50 -22.09
C TYR A 308 4.31 14.30 -21.41
N GLU A 309 4.58 14.79 -20.20
CA GLU A 309 3.59 15.43 -19.36
C GLU A 309 2.76 16.43 -20.18
N PRO A 310 1.44 16.24 -20.28
CA PRO A 310 0.64 17.14 -21.13
C PRO A 310 0.62 18.58 -20.65
N ALA A 311 0.85 18.83 -19.35
CA ALA A 311 0.99 20.21 -18.89
C ALA A 311 2.07 20.96 -19.65
N MET A 312 3.03 20.24 -20.23
CA MET A 312 4.13 20.87 -20.93
C MET A 312 3.76 21.31 -22.35
N TRP A 313 2.72 20.73 -22.95
CA TRP A 313 2.44 21.00 -24.36
C TRP A 313 0.98 21.27 -24.69
N ASN A 314 0.02 20.86 -23.86
CA ASN A 314 -1.39 20.98 -24.22
C ASN A 314 -1.95 22.28 -23.69
N SER A 315 -2.05 23.27 -24.57
CA SER A 315 -2.63 24.55 -24.18
C SER A 315 -4.11 24.43 -23.91
N GLY A 316 -4.78 23.45 -24.53
CA GLY A 316 -6.22 23.35 -24.47
C GLY A 316 -6.94 24.08 -25.59
N ASN A 317 -6.20 24.78 -26.45
CA ASN A 317 -6.82 25.53 -27.54
C ASN A 317 -7.05 24.69 -28.80
N ALA A 318 -6.40 23.54 -28.91
CA ALA A 318 -6.52 22.68 -30.08
C ALA A 318 -7.55 21.60 -29.83
N THR A 319 -8.31 21.26 -30.87
CA THR A 319 -9.05 20.01 -30.83
C THR A 319 -8.06 18.86 -30.70
N LEU A 320 -8.36 17.93 -29.80
CA LEU A 320 -7.46 16.86 -29.41
C LEU A 320 -8.07 15.53 -29.83
N VAL A 321 -7.38 14.81 -30.72
CA VAL A 321 -7.80 13.49 -31.16
C VAL A 321 -6.85 12.47 -30.57
N HIS A 322 -7.39 11.40 -29.99
CA HIS A 322 -6.61 10.32 -29.42
C HIS A 322 -6.85 9.08 -30.27
N ILE A 323 -5.78 8.49 -30.79
CA ILE A 323 -5.82 7.22 -31.52
C ILE A 323 -4.86 6.26 -30.84
N ASP A 324 -5.36 5.15 -30.30
CA ASP A 324 -4.48 4.19 -29.63
C ASP A 324 -5.15 2.82 -29.56
N VAL A 325 -4.40 1.82 -29.08
CA VAL A 325 -4.93 0.48 -28.83
C VAL A 325 -5.79 0.42 -27.58
N LEU A 326 -5.73 1.46 -26.76
CA LEU A 326 -6.48 1.56 -25.52
C LEU A 326 -7.17 2.90 -25.45
N PRO A 327 -8.25 3.00 -24.66
CA PRO A 327 -8.82 4.32 -24.35
C PRO A 327 -7.78 5.25 -23.75
N ALA A 328 -8.07 6.54 -23.84
CA ALA A 328 -7.16 7.55 -23.30
C ALA A 328 -7.07 7.44 -21.78
N TYR A 329 -5.84 7.59 -21.27
CA TYR A 329 -5.61 7.75 -19.83
C TYR A 329 -5.82 9.22 -19.49
N GLU A 330 -7.07 9.59 -19.24
CA GLU A 330 -7.42 11.00 -19.11
C GLU A 330 -6.79 11.60 -17.86
N GLU A 331 -6.47 12.89 -17.98
CA GLU A 331 -6.03 13.71 -16.86
C GLU A 331 -6.41 15.15 -17.18
N ARG A 332 -6.13 16.06 -16.27
CA ARG A 332 -6.70 17.40 -16.42
C ARG A 332 -6.15 18.12 -17.65
N ASN A 333 -4.98 17.73 -18.14
CA ASN A 333 -4.41 18.31 -19.34
C ASN A 333 -4.46 17.35 -20.52
N TYR A 334 -5.28 16.29 -20.43
CA TYR A 334 -5.45 15.35 -21.52
C TYR A 334 -6.88 14.80 -21.45
N THR A 335 -7.80 15.56 -22.03
CA THR A 335 -9.21 15.18 -22.17
C THR A 335 -9.54 15.26 -23.65
N PRO A 336 -9.31 14.20 -24.41
CA PRO A 336 -9.51 14.26 -25.86
C PRO A 336 -10.94 14.61 -26.25
N ASP A 337 -11.06 15.36 -27.34
CA ASP A 337 -12.35 15.65 -27.93
C ASP A 337 -12.88 14.49 -28.75
N VAL A 338 -11.97 13.72 -29.33
CA VAL A 338 -12.32 12.56 -30.14
C VAL A 338 -11.39 11.43 -29.73
N GLU A 339 -11.95 10.24 -29.53
CA GLU A 339 -11.22 9.11 -29.00
C GLU A 339 -11.48 7.89 -29.88
N LEU A 340 -10.44 7.43 -30.56
CA LEU A 340 -10.49 6.26 -31.43
C LEU A 340 -9.65 5.14 -30.83
N VAL A 341 -10.23 3.94 -30.70
CA VAL A 341 -9.53 2.81 -30.12
C VAL A 341 -9.64 1.64 -31.08
N GLY A 342 -8.50 1.03 -31.39
CA GLY A 342 -8.53 -0.12 -32.28
C GLY A 342 -7.15 -0.40 -32.83
N ASP A 343 -7.13 -1.22 -33.88
CA ASP A 343 -5.90 -1.51 -34.60
C ASP A 343 -5.36 -0.22 -35.20
N ILE A 344 -4.15 0.15 -34.79
CA ILE A 344 -3.59 1.43 -35.24
C ILE A 344 -3.34 1.40 -36.74
N ALA A 345 -2.77 0.29 -37.27
CA ALA A 345 -2.44 0.26 -38.70
C ALA A 345 -3.70 0.39 -39.55
N GLY A 346 -4.72 -0.40 -39.25
CA GLY A 346 -5.96 -0.30 -40.01
C GLY A 346 -6.60 1.07 -39.89
N THR A 347 -6.48 1.67 -38.70
CA THR A 347 -7.04 3.00 -38.49
C THR A 347 -6.31 4.06 -39.32
N LEU A 348 -4.98 4.06 -39.26
CA LEU A 348 -4.21 5.05 -40.01
C LEU A 348 -4.35 4.84 -41.50
N ASN A 349 -4.43 3.58 -41.95
CA ASN A 349 -4.67 3.30 -43.36
C ASN A 349 -6.02 3.84 -43.81
N LYS A 350 -7.07 3.60 -43.03
CA LYS A 350 -8.37 4.16 -43.36
C LYS A 350 -8.34 5.68 -43.37
N LEU A 351 -7.67 6.27 -42.37
CA LEU A 351 -7.59 7.72 -42.31
C LEU A 351 -6.86 8.26 -43.54
N ALA A 352 -5.74 7.65 -43.90
CA ALA A 352 -5.02 8.10 -45.09
C ALA A 352 -5.91 8.03 -46.32
N GLN A 353 -6.76 7.01 -46.42
CA GLN A 353 -7.65 6.86 -47.58
C GLN A 353 -8.65 8.00 -47.69
N ASN A 354 -8.87 8.74 -46.62
CA ASN A 354 -9.95 9.72 -46.57
C ASN A 354 -9.45 11.15 -46.39
N ILE A 355 -8.16 11.38 -46.55
CA ILE A 355 -7.63 12.74 -46.50
C ILE A 355 -7.61 13.29 -47.91
N ASP A 356 -8.18 14.49 -48.09
CA ASP A 356 -8.44 15.01 -49.42
C ASP A 356 -7.21 15.63 -50.07
N HIS A 357 -6.41 16.38 -49.31
CA HIS A 357 -5.30 17.11 -49.88
C HIS A 357 -4.13 17.11 -48.91
N ARG A 358 -2.93 17.32 -49.45
CA ARG A 358 -1.76 17.52 -48.60
C ARG A 358 -1.86 18.86 -47.88
N LEU A 359 -1.34 18.89 -46.65
CA LEU A 359 -1.33 20.14 -45.90
C LEU A 359 -0.44 21.15 -46.57
N VAL A 360 -0.93 22.38 -46.71
CA VAL A 360 -0.11 23.53 -47.01
C VAL A 360 0.22 24.20 -45.68
N LEU A 361 1.51 24.22 -45.32
CA LEU A 361 1.91 24.76 -44.03
C LEU A 361 1.42 26.19 -43.88
N SER A 362 0.93 26.52 -42.69
CA SER A 362 0.72 27.92 -42.37
C SER A 362 2.08 28.62 -42.37
N PRO A 363 2.10 29.95 -42.48
CA PRO A 363 3.38 30.67 -42.40
C PRO A 363 4.08 30.48 -41.08
N GLN A 364 3.33 30.45 -39.97
CA GLN A 364 3.97 30.21 -38.68
C GLN A 364 4.58 28.83 -38.62
N ALA A 365 3.88 27.82 -39.15
CA ALA A 365 4.41 26.46 -39.10
C ALA A 365 5.66 26.34 -39.96
N ALA A 366 5.64 26.94 -41.15
CA ALA A 366 6.84 26.94 -42.00
C ALA A 366 8.01 27.59 -41.28
N GLU A 367 7.79 28.73 -40.63
CA GLU A 367 8.89 29.39 -39.94
C GLU A 367 9.44 28.52 -38.81
N ILE A 368 8.56 27.83 -38.08
CA ILE A 368 9.04 26.96 -37.02
C ILE A 368 9.95 25.90 -37.58
N LEU A 369 9.54 25.27 -38.69
CA LEU A 369 10.36 24.21 -39.27
C LEU A 369 11.62 24.78 -39.91
N ARG A 370 11.52 25.94 -40.56
CA ARG A 370 12.73 26.60 -41.06
C ARG A 370 13.65 26.93 -39.90
N ASP A 371 13.07 27.38 -38.79
CA ASP A 371 13.86 27.65 -37.59
C ASP A 371 14.59 26.41 -37.14
N ARG A 372 13.93 25.25 -37.20
CA ARG A 372 14.57 24.00 -36.81
C ARG A 372 15.69 23.60 -37.77
N GLN A 373 15.55 23.88 -39.06
CA GLN A 373 16.65 23.60 -39.98
C GLN A 373 17.90 24.38 -39.58
N HIS A 374 17.73 25.67 -39.27
CA HIS A 374 18.86 26.47 -38.82
C HIS A 374 19.38 25.97 -37.49
N GLN A 375 18.47 25.58 -36.59
CA GLN A 375 18.90 24.98 -35.34
C GLN A 375 19.78 23.76 -35.59
N ARG A 376 19.38 22.89 -36.51
CA ARG A 376 20.19 21.71 -36.82
C ARG A 376 21.54 22.11 -37.41
N GLU A 377 21.56 23.09 -38.30
CA GLU A 377 22.85 23.56 -38.83
C GLU A 377 23.75 24.09 -37.72
N LEU A 378 23.19 24.88 -36.80
CA LEU A 378 23.97 25.42 -35.69
C LEU A 378 24.50 24.31 -34.81
N LEU A 379 23.67 23.29 -34.54
CA LEU A 379 24.13 22.15 -33.75
C LEU A 379 25.21 21.34 -34.47
N ASP A 380 25.16 21.27 -35.80
CA ASP A 380 26.21 20.57 -36.55
C ASP A 380 27.58 21.21 -36.34
N ARG A 381 27.64 22.50 -36.05
CA ARG A 381 28.90 23.19 -35.77
C ARG A 381 29.89 23.01 -36.92
N ARG A 382 29.40 23.19 -38.15
CA ARG A 382 30.21 22.85 -39.33
C ARG A 382 31.59 23.50 -39.26
N GLY A 383 31.65 24.78 -38.89
CA GLY A 383 32.89 25.54 -38.96
C GLY A 383 33.77 25.42 -37.74
N ALA A 384 33.17 25.21 -36.57
CA ALA A 384 33.95 24.93 -35.35
C ALA A 384 34.19 23.43 -35.23
N GLN A 385 34.95 22.91 -36.20
CA GLN A 385 35.02 21.47 -36.43
C GLN A 385 36.33 20.83 -36.05
N LEU A 386 37.40 21.61 -35.84
CA LEU A 386 38.62 21.08 -35.26
C LEU A 386 38.53 21.18 -33.74
N ASN A 387 39.18 20.26 -33.05
CA ASN A 387 38.84 19.98 -31.67
C ASN A 387 40.12 19.83 -30.85
N GLN A 388 39.94 19.39 -29.60
CA GLN A 388 40.98 19.34 -28.58
C GLN A 388 40.78 18.09 -27.73
N PHE A 389 41.67 17.88 -26.77
CA PHE A 389 41.71 16.63 -25.98
C PHE A 389 41.75 16.92 -24.45
N ALA A 390 40.94 16.23 -23.63
CA ALA A 390 40.14 15.05 -23.99
C ALA A 390 39.03 15.38 -24.98
N LEU A 391 38.43 14.34 -25.55
CA LEU A 391 37.53 14.51 -26.69
C LEU A 391 36.31 15.36 -26.33
N HIS A 392 35.99 16.28 -27.24
CA HIS A 392 34.77 17.06 -27.09
C HIS A 392 33.58 16.17 -27.41
N PRO A 393 32.51 16.22 -26.62
CA PRO A 393 31.36 15.33 -26.87
C PRO A 393 30.90 15.31 -28.33
N LEU A 394 30.80 16.47 -28.97
CA LEU A 394 30.31 16.52 -30.34
C LEU A 394 31.26 15.81 -31.30
N ARG A 395 32.55 15.76 -30.97
CA ARG A 395 33.49 14.97 -31.78
C ARG A 395 33.17 13.49 -31.65
N ILE A 396 32.83 13.03 -30.45
CA ILE A 396 32.48 11.63 -30.27
C ILE A 396 31.18 11.30 -30.99
N VAL A 397 30.21 12.21 -30.94
CA VAL A 397 28.94 11.97 -31.62
C VAL A 397 29.17 11.83 -33.12
N ARG A 398 30.02 12.68 -33.68
CA ARG A 398 30.33 12.58 -35.10
C ARG A 398 30.92 11.23 -35.44
N ALA A 399 31.88 10.78 -34.64
CA ALA A 399 32.53 9.50 -34.87
C ALA A 399 31.56 8.34 -34.71
N MET A 400 30.60 8.46 -33.79
CA MET A 400 29.57 7.43 -33.65
C MET A 400 28.67 7.42 -34.88
N GLN A 401 28.22 8.59 -35.33
CA GLN A 401 27.35 8.64 -36.48
C GLN A 401 28.03 8.13 -37.73
N ASP A 402 29.37 8.15 -37.77
CA ASP A 402 30.09 7.60 -38.91
C ASP A 402 30.01 6.08 -38.96
N ILE A 403 30.05 5.42 -37.80
CA ILE A 403 30.06 3.97 -37.78
C ILE A 403 28.67 3.35 -37.63
N VAL A 404 27.68 4.11 -37.17
CA VAL A 404 26.31 3.61 -37.04
C VAL A 404 25.56 3.97 -38.31
N ASN A 405 25.31 2.98 -39.14
CA ASN A 405 24.53 3.16 -40.37
C ASN A 405 23.22 2.38 -40.26
N SER A 406 22.47 2.34 -41.36
CA SER A 406 21.12 1.78 -41.32
C SER A 406 21.11 0.27 -41.08
N ASP A 407 22.26 -0.39 -41.11
CA ASP A 407 22.35 -1.80 -40.79
C ASP A 407 22.73 -2.04 -39.33
N VAL A 408 23.00 -0.99 -38.55
CA VAL A 408 23.55 -1.12 -37.21
C VAL A 408 22.49 -0.69 -36.20
N THR A 409 22.37 -1.46 -35.12
CA THR A 409 21.52 -1.08 -33.99
C THR A 409 22.38 -0.35 -32.97
N LEU A 410 21.78 0.67 -32.35
CA LEU A 410 22.44 1.47 -31.33
C LEU A 410 21.64 1.39 -30.04
N THR A 411 22.32 1.11 -28.93
CA THR A 411 21.68 1.17 -27.63
C THR A 411 22.41 2.21 -26.79
N VAL A 412 21.67 2.92 -25.94
CA VAL A 412 22.21 4.09 -25.24
C VAL A 412 21.90 3.95 -23.75
N ASP A 413 22.92 4.11 -22.90
CA ASP A 413 22.76 4.01 -21.46
C ASP A 413 22.29 5.37 -20.92
N MET A 414 22.38 5.60 -19.60
CA MET A 414 21.99 6.86 -19.01
C MET A 414 23.18 7.60 -18.42
N GLY A 415 23.23 8.91 -18.66
CA GLY A 415 24.36 9.75 -18.29
C GLY A 415 24.41 10.95 -19.23
N SER A 416 25.43 11.79 -19.01
CA SER A 416 25.50 13.04 -19.77
C SER A 416 25.57 12.77 -21.27
N PHE A 417 26.31 11.73 -21.66
CA PHE A 417 26.35 11.33 -23.07
C PHE A 417 24.96 11.05 -23.62
N HIS A 418 24.04 10.62 -22.76
CA HIS A 418 22.68 10.36 -23.24
C HIS A 418 22.06 11.64 -23.77
N ILE A 419 22.30 12.76 -23.10
CA ILE A 419 21.74 14.03 -23.54
C ILE A 419 22.35 14.43 -24.87
N TRP A 420 23.65 14.19 -25.03
CA TRP A 420 24.33 14.52 -26.28
C TRP A 420 23.76 13.70 -27.43
N ILE A 421 23.65 12.38 -27.24
CA ILE A 421 23.11 11.55 -28.31
C ILE A 421 21.66 11.92 -28.59
N ALA A 422 20.86 12.10 -27.55
CA ALA A 422 19.47 12.52 -27.74
C ALA A 422 19.40 13.81 -28.55
N ARG A 423 20.28 14.76 -28.26
CA ARG A 423 20.21 16.01 -28.98
C ARG A 423 20.44 15.81 -30.47
N TYR A 424 21.29 14.86 -30.83
CA TYR A 424 21.66 14.66 -32.23
C TYR A 424 20.96 13.47 -32.87
N LEU A 425 19.87 12.97 -32.27
CA LEU A 425 19.15 11.87 -32.90
C LEU A 425 18.75 12.20 -34.34
N TYR A 426 18.56 13.48 -34.66
CA TYR A 426 18.15 13.85 -36.01
C TYR A 426 19.18 13.45 -37.06
N SER A 427 20.45 13.30 -36.67
CA SER A 427 21.48 12.97 -37.63
C SER A 427 22.06 11.57 -37.44
N PHE A 428 21.42 10.75 -36.61
CA PHE A 428 21.73 9.34 -36.55
C PHE A 428 20.86 8.61 -37.56
N ARG A 429 21.40 7.59 -38.20
CA ARG A 429 20.68 6.84 -39.22
C ARG A 429 20.77 5.35 -38.94
N ALA A 430 20.37 4.95 -37.75
CA ALA A 430 20.50 3.57 -37.33
C ALA A 430 19.30 2.73 -37.73
N ARG A 431 19.53 1.42 -37.84
CA ARG A 431 18.43 0.49 -38.04
C ARG A 431 17.39 0.66 -36.94
N GLN A 432 17.87 0.76 -35.70
CA GLN A 432 17.02 0.93 -34.54
C GLN A 432 17.89 1.55 -33.46
N VAL A 433 17.25 2.41 -32.65
CA VAL A 433 17.90 3.05 -31.52
C VAL A 433 17.09 2.71 -30.28
N MET A 434 17.75 2.14 -29.27
CA MET A 434 17.15 1.91 -27.97
C MET A 434 17.72 2.97 -27.06
N ILE A 435 16.90 3.95 -26.67
CA ILE A 435 17.40 5.07 -25.87
C ILE A 435 16.38 5.51 -24.83
N SER A 436 15.09 5.40 -25.15
CA SER A 436 14.05 5.82 -24.21
C SER A 436 14.24 5.15 -22.85
N ASN A 437 14.17 5.94 -21.79
CA ASN A 437 14.54 5.48 -20.46
C ASN A 437 13.95 6.37 -19.39
N GLY A 438 12.65 6.23 -19.14
CA GLY A 438 11.95 7.13 -18.25
C GLY A 438 12.35 6.97 -16.80
N GLN A 439 12.67 5.73 -16.40
CA GLN A 439 13.21 5.50 -15.05
C GLN A 439 14.65 5.97 -14.94
N GLN A 440 15.30 6.25 -16.07
CA GLN A 440 16.68 6.73 -16.11
C GLN A 440 17.64 5.71 -15.51
N THR A 441 17.35 4.44 -15.76
CA THR A 441 18.13 3.33 -15.22
C THR A 441 19.50 3.23 -15.88
N MET A 442 20.55 3.22 -15.06
CA MET A 442 21.90 2.94 -15.52
C MET A 442 22.10 1.46 -15.78
N GLY A 443 23.04 1.18 -16.69
CA GLY A 443 23.48 -0.16 -16.98
C GLY A 443 22.72 -0.88 -18.08
N VAL A 444 21.76 -0.21 -18.73
CA VAL A 444 20.88 -0.88 -19.68
C VAL A 444 21.58 -1.18 -21.01
N ALA A 445 22.58 -0.40 -21.41
CA ALA A 445 22.98 -0.40 -22.82
C ALA A 445 23.57 -1.74 -23.26
N LEU A 446 24.56 -2.26 -22.52
CA LEU A 446 25.20 -3.52 -22.94
C LEU A 446 24.21 -4.68 -22.94
N PRO A 447 23.41 -4.90 -21.89
CA PRO A 447 22.42 -5.99 -21.95
C PRO A 447 21.38 -5.80 -23.05
N TRP A 448 20.88 -4.58 -23.24
CA TRP A 448 19.99 -4.31 -24.37
C TRP A 448 20.63 -4.74 -25.67
N ALA A 449 21.91 -4.43 -25.86
CA ALA A 449 22.58 -4.75 -27.11
C ALA A 449 22.72 -6.26 -27.29
N ILE A 450 23.04 -6.98 -26.22
CA ILE A 450 23.17 -8.42 -26.30
C ILE A 450 21.84 -9.06 -26.68
N GLY A 451 20.74 -8.61 -26.07
CA GLY A 451 19.43 -9.12 -26.45
C GLY A 451 19.07 -8.79 -27.88
N ALA A 452 19.35 -7.56 -28.30
CA ALA A 452 19.03 -7.17 -29.67
C ALA A 452 19.86 -7.96 -30.66
N TRP A 453 21.11 -8.26 -30.32
CA TRP A 453 21.95 -9.03 -31.23
C TRP A 453 21.43 -10.45 -31.41
N LEU A 454 20.94 -11.06 -30.34
CA LEU A 454 20.44 -12.42 -30.42
C LEU A 454 19.24 -12.52 -31.36
N VAL A 455 18.48 -11.44 -31.50
CA VAL A 455 17.34 -11.48 -32.41
C VAL A 455 17.82 -11.50 -33.86
N ASN A 456 18.82 -10.68 -34.19
CA ASN A 456 19.36 -10.59 -35.56
C ASN A 456 20.88 -10.69 -35.49
N PRO A 457 21.42 -11.90 -35.26
CA PRO A 457 22.85 -12.02 -34.98
C PRO A 457 23.75 -11.82 -36.19
N GLU A 458 23.18 -11.74 -37.39
CA GLU A 458 23.97 -11.43 -38.58
C GLU A 458 24.34 -9.96 -38.66
N ARG A 459 23.87 -9.14 -37.72
CA ARG A 459 24.09 -7.70 -37.76
C ARG A 459 24.92 -7.28 -36.55
N LYS A 460 25.41 -6.05 -36.62
CA LYS A 460 26.25 -5.47 -35.58
C LYS A 460 25.41 -4.59 -34.67
N VAL A 461 25.74 -4.58 -33.38
CA VAL A 461 25.12 -3.68 -32.41
C VAL A 461 26.20 -2.85 -31.76
N VAL A 462 25.95 -1.54 -31.64
CA VAL A 462 26.80 -0.63 -30.88
C VAL A 462 26.04 -0.20 -29.64
N SER A 463 26.67 -0.37 -28.48
CA SER A 463 26.13 0.15 -27.23
C SER A 463 27.07 1.21 -26.70
N VAL A 464 26.50 2.21 -26.02
CA VAL A 464 27.29 3.32 -25.50
C VAL A 464 26.84 3.61 -24.08
N SER A 465 27.80 3.77 -23.18
CA SER A 465 27.47 4.11 -21.81
C SER A 465 28.59 4.98 -21.26
N GLY A 466 28.37 5.50 -20.05
CA GLY A 466 29.45 6.09 -19.28
C GLY A 466 30.16 5.04 -18.48
N ASP A 467 31.17 5.48 -17.71
CA ASP A 467 31.91 4.53 -16.88
C ASP A 467 31.10 4.08 -15.68
N GLY A 468 30.20 4.91 -15.17
CA GLY A 468 29.32 4.48 -14.10
C GLY A 468 28.35 3.40 -14.54
N GLY A 469 27.60 3.66 -15.62
CA GLY A 469 26.67 2.66 -16.11
C GLY A 469 27.36 1.39 -16.56
N PHE A 470 28.55 1.53 -17.15
CA PHE A 470 29.27 0.37 -17.65
C PHE A 470 29.46 -0.67 -16.55
N LEU A 471 29.97 -0.25 -15.39
CA LEU A 471 30.29 -1.24 -14.37
C LEU A 471 29.07 -1.81 -13.68
N GLN A 472 27.87 -1.29 -13.91
CA GLN A 472 26.70 -1.89 -13.30
C GLN A 472 26.23 -3.13 -14.06
N SER A 473 26.59 -3.26 -15.34
CA SER A 473 26.21 -4.44 -16.11
C SER A 473 27.40 -5.07 -16.86
N SER A 474 28.63 -4.64 -16.60
CA SER A 474 29.78 -5.12 -17.37
C SER A 474 30.08 -6.59 -17.11
N MET A 475 29.51 -7.20 -16.08
CA MET A 475 29.69 -8.64 -15.90
C MET A 475 29.17 -9.43 -17.10
N GLU A 476 28.23 -8.88 -17.87
CA GLU A 476 27.72 -9.59 -19.03
C GLU A 476 28.70 -9.59 -20.19
N LEU A 477 29.87 -8.97 -20.06
CA LEU A 477 30.87 -9.13 -21.11
C LEU A 477 31.30 -10.58 -21.23
N GLU A 478 31.26 -11.33 -20.12
CA GLU A 478 31.51 -12.77 -20.22
C GLU A 478 30.42 -13.44 -21.03
N THR A 479 29.16 -13.11 -20.75
CA THR A 479 28.07 -13.61 -21.57
C THR A 479 28.27 -13.27 -23.04
N ALA A 480 28.69 -12.03 -23.33
CA ALA A 480 28.88 -11.63 -24.72
C ALA A 480 30.01 -12.41 -25.38
N VAL A 481 31.14 -12.58 -24.68
CA VAL A 481 32.23 -13.40 -25.22
C VAL A 481 31.74 -14.82 -25.44
N ARG A 482 31.02 -15.37 -24.47
CA ARG A 482 30.53 -16.74 -24.57
C ARG A 482 29.54 -16.91 -25.72
N LEU A 483 28.76 -15.87 -26.02
CA LEU A 483 27.82 -15.92 -27.13
C LEU A 483 28.45 -15.50 -28.45
N LYS A 484 29.69 -15.01 -28.44
CA LYS A 484 30.31 -14.41 -29.61
C LYS A 484 29.42 -13.30 -30.17
N ALA A 485 28.78 -12.57 -29.28
CA ALA A 485 27.88 -11.50 -29.68
C ALA A 485 28.66 -10.41 -30.39
N ASN A 486 28.16 -10.00 -31.56
CA ASN A 486 28.83 -8.97 -32.35
C ASN A 486 28.36 -7.59 -31.86
N VAL A 487 28.80 -7.27 -30.64
CA VAL A 487 28.47 -6.01 -29.99
C VAL A 487 29.75 -5.21 -29.79
N LEU A 488 29.70 -3.93 -30.17
CA LEU A 488 30.77 -2.97 -29.87
C LEU A 488 30.29 -2.01 -28.79
N HIS A 489 30.95 -2.01 -27.64
CA HIS A 489 30.57 -1.16 -26.52
C HIS A 489 31.53 0.01 -26.37
N LEU A 490 30.99 1.22 -26.42
CA LEU A 490 31.76 2.43 -26.23
C LEU A 490 31.54 2.98 -24.83
N ILE A 491 32.63 3.41 -24.19
CA ILE A 491 32.59 4.02 -22.85
C ILE A 491 33.08 5.46 -22.97
N TRP A 492 32.20 6.42 -22.69
CA TRP A 492 32.66 7.78 -22.48
C TRP A 492 33.25 7.84 -21.07
N VAL A 493 34.58 8.02 -20.98
CA VAL A 493 35.30 7.87 -19.71
C VAL A 493 35.59 9.25 -19.13
N ASP A 494 35.08 9.50 -17.92
CA ASP A 494 35.36 10.73 -17.18
C ASP A 494 35.76 10.46 -15.74
N ASN A 495 35.73 9.21 -15.28
CA ASN A 495 36.05 8.85 -13.90
C ASN A 495 35.09 9.53 -12.92
N GLY A 496 33.82 9.62 -13.29
CA GLY A 496 32.84 10.19 -12.38
C GLY A 496 31.42 9.92 -12.84
N TYR A 497 30.48 10.46 -12.07
CA TYR A 497 29.06 10.42 -12.42
C TYR A 497 28.70 11.82 -12.94
N ASN A 498 29.02 12.08 -14.21
CA ASN A 498 29.02 13.46 -14.65
C ASN A 498 27.62 14.06 -14.65
N MET A 499 26.62 13.31 -15.11
CA MET A 499 25.29 13.92 -15.21
C MET A 499 24.84 14.44 -13.84
N VAL A 500 25.20 13.73 -12.77
CA VAL A 500 24.85 14.21 -11.43
C VAL A 500 25.74 15.38 -11.05
N ALA A 501 27.03 15.30 -11.36
CA ALA A 501 27.96 16.38 -11.02
C ALA A 501 27.56 17.70 -11.67
N ILE A 502 27.13 17.68 -12.93
CA ILE A 502 26.76 18.91 -13.63
C ILE A 502 25.62 19.60 -12.89
N GLN A 503 24.67 18.82 -12.38
CA GLN A 503 23.56 19.41 -11.62
C GLN A 503 24.03 19.91 -10.26
N GLU A 504 24.88 19.15 -9.58
CA GLU A 504 25.43 19.61 -8.31
C GLU A 504 26.19 20.93 -8.49
N GLU A 505 27.02 21.03 -9.54
CA GLU A 505 27.76 22.27 -9.77
C GLU A 505 26.81 23.44 -10.01
N LYS A 506 25.74 23.22 -10.76
CA LYS A 506 24.81 24.29 -11.03
C LYS A 506 24.07 24.73 -9.77
N LYS A 507 23.63 23.78 -8.95
CA LYS A 507 22.83 24.11 -7.78
C LYS A 507 23.68 24.59 -6.60
N TYR A 508 24.88 24.04 -6.44
CA TYR A 508 25.65 24.24 -5.22
C TYR A 508 27.08 24.70 -5.45
N GLN A 509 27.57 24.69 -6.68
CA GLN A 509 28.94 25.09 -6.99
C GLN A 509 29.96 24.22 -6.26
N ARG A 510 29.61 22.96 -5.98
CA ARG A 510 30.54 22.02 -5.38
C ARG A 510 30.01 20.61 -5.62
N LEU A 511 30.92 19.64 -5.62
CA LEU A 511 30.61 18.27 -5.98
C LEU A 511 30.60 17.39 -4.74
N SER A 512 29.75 16.36 -4.76
CA SER A 512 29.65 15.43 -3.64
C SER A 512 29.23 14.06 -4.16
N GLY A 513 30.05 13.04 -3.88
CA GLY A 513 29.72 11.68 -4.25
C GLY A 513 29.73 11.36 -5.73
N VAL A 514 30.40 12.17 -6.54
CA VAL A 514 30.34 12.05 -8.00
C VAL A 514 31.66 11.71 -8.65
N GLU A 515 32.78 11.67 -7.90
CA GLU A 515 34.09 11.36 -8.45
C GLU A 515 34.53 9.98 -7.98
N PHE A 516 35.17 9.22 -8.87
CA PHE A 516 35.78 7.96 -8.48
C PHE A 516 37.07 7.78 -9.27
N GLY A 517 37.69 6.61 -9.14
CA GLY A 517 39.03 6.40 -9.62
C GLY A 517 39.07 5.87 -11.04
N PRO A 518 40.25 5.85 -11.64
CA PRO A 518 40.40 5.40 -13.03
C PRO A 518 40.58 3.89 -13.12
N MET A 519 40.38 3.38 -14.33
CA MET A 519 40.55 1.97 -14.62
C MET A 519 41.22 1.81 -15.98
N ASP A 520 41.88 0.68 -16.18
CA ASP A 520 42.44 0.33 -17.48
C ASP A 520 41.38 -0.46 -18.24
N PHE A 521 40.49 0.27 -18.92
CA PHE A 521 39.33 -0.37 -19.53
C PHE A 521 39.74 -1.31 -20.66
N LYS A 522 40.81 -0.98 -21.39
CA LYS A 522 41.32 -1.88 -22.40
C LYS A 522 41.70 -3.22 -21.78
N ALA A 523 42.53 -3.20 -20.73
CA ALA A 523 42.89 -4.45 -20.06
C ALA A 523 41.68 -5.12 -19.44
N TYR A 524 40.76 -4.32 -18.89
CA TYR A 524 39.54 -4.89 -18.30
C TYR A 524 38.77 -5.72 -19.33
N ALA A 525 38.51 -5.14 -20.50
CA ALA A 525 37.81 -5.88 -21.54
C ALA A 525 38.58 -7.13 -21.94
N GLU A 526 39.91 -7.04 -22.07
CA GLU A 526 40.66 -8.19 -22.53
C GLU A 526 40.70 -9.32 -21.52
N SER A 527 40.53 -9.05 -20.22
CA SER A 527 40.52 -10.14 -19.25
C SER A 527 39.31 -11.04 -19.41
N PHE A 528 38.28 -10.59 -20.15
CA PHE A 528 37.14 -11.41 -20.51
C PHE A 528 37.34 -12.20 -21.80
N GLY A 529 38.40 -11.93 -22.55
CA GLY A 529 38.54 -12.49 -23.87
C GLY A 529 37.90 -11.68 -24.98
N ALA A 530 37.55 -10.42 -24.72
CA ALA A 530 37.04 -9.51 -25.73
C ALA A 530 38.14 -8.56 -26.17
N LYS A 531 37.91 -7.88 -27.28
CA LYS A 531 38.90 -6.92 -27.77
C LYS A 531 38.75 -5.59 -27.04
N GLY A 532 39.87 -5.04 -26.61
CA GLY A 532 39.89 -3.77 -25.90
C GLY A 532 40.60 -2.70 -26.71
N PHE A 533 40.13 -1.47 -26.57
CA PHE A 533 40.76 -0.34 -27.22
C PHE A 533 40.66 0.85 -26.29
N ALA A 534 41.68 1.71 -26.33
CA ALA A 534 41.67 2.95 -25.57
C ALA A 534 42.11 4.09 -26.48
N VAL A 535 41.31 5.15 -26.52
CA VAL A 535 41.59 6.30 -27.37
C VAL A 535 42.56 7.20 -26.61
N GLU A 536 43.82 7.21 -27.03
CA GLU A 536 44.83 8.04 -26.41
C GLU A 536 45.01 9.38 -27.11
N SER A 537 44.39 9.58 -28.27
CA SER A 537 44.46 10.85 -28.97
C SER A 537 43.23 11.04 -29.84
N ALA A 538 42.89 12.29 -30.11
CA ALA A 538 41.76 12.61 -30.98
C ALA A 538 41.89 11.91 -32.33
N GLU A 539 43.00 12.17 -33.04
CA GLU A 539 43.20 11.60 -34.38
C GLU A 539 42.99 10.09 -34.37
N ALA A 540 43.26 9.43 -33.25
CA ALA A 540 43.03 8.00 -33.16
C ALA A 540 41.57 7.64 -32.94
N LEU A 541 40.70 8.60 -32.66
CA LEU A 541 39.31 8.29 -32.36
C LEU A 541 38.65 7.54 -33.52
N GLU A 542 38.54 8.21 -34.68
CA GLU A 542 37.83 7.61 -35.80
C GLU A 542 38.46 6.30 -36.25
N PRO A 543 39.77 6.24 -36.49
CA PRO A 543 40.37 4.95 -36.85
C PRO A 543 40.18 3.87 -35.78
N THR A 544 40.21 4.23 -34.49
CA THR A 544 40.00 3.23 -33.45
C THR A 544 38.60 2.65 -33.52
N LEU A 545 37.58 3.51 -33.63
CA LEU A 545 36.21 3.01 -33.72
C LEU A 545 36.02 2.15 -34.96
N ARG A 546 36.56 2.57 -36.10
CA ARG A 546 36.48 1.75 -37.31
C ARG A 546 37.18 0.42 -37.09
N ALA A 547 38.35 0.45 -36.45
CA ALA A 547 39.05 -0.79 -36.14
C ALA A 547 38.24 -1.66 -35.19
N ALA A 548 37.53 -1.06 -34.24
CA ALA A 548 36.72 -1.84 -33.31
C ALA A 548 35.50 -2.43 -34.02
N MET A 549 34.92 -1.68 -34.96
CA MET A 549 33.75 -2.18 -35.68
C MET A 549 34.10 -3.40 -36.51
N ASP A 550 35.34 -3.51 -36.98
CA ASP A 550 35.73 -4.61 -37.84
C ASP A 550 35.94 -5.91 -37.07
N VAL A 551 36.08 -5.84 -35.74
CA VAL A 551 36.16 -7.05 -34.93
C VAL A 551 34.86 -7.83 -35.08
N ASP A 552 34.98 -9.13 -35.34
CA ASP A 552 33.81 -10.01 -35.44
C ASP A 552 33.58 -10.63 -34.07
N GLY A 553 32.92 -9.88 -33.19
CA GLY A 553 32.70 -10.29 -31.82
C GLY A 553 32.77 -9.11 -30.88
N PRO A 554 32.73 -9.39 -29.57
CA PRO A 554 32.66 -8.31 -28.60
C PRO A 554 33.93 -7.46 -28.57
N ALA A 555 33.76 -6.15 -28.53
CA ALA A 555 34.87 -5.23 -28.39
C ALA A 555 34.45 -4.07 -27.52
N VAL A 556 35.42 -3.50 -26.81
CA VAL A 556 35.18 -2.38 -25.90
C VAL A 556 36.16 -1.27 -26.24
N VAL A 557 35.67 -0.04 -26.36
CA VAL A 557 36.51 1.12 -26.64
C VAL A 557 36.29 2.18 -25.58
N ALA A 558 37.35 2.51 -24.85
CA ALA A 558 37.31 3.58 -23.85
C ALA A 558 37.64 4.90 -24.51
N ILE A 559 36.81 5.91 -24.26
CA ILE A 559 36.94 7.20 -24.94
C ILE A 559 36.97 8.31 -23.90
N PRO A 560 38.14 8.86 -23.55
CA PRO A 560 38.16 10.00 -22.61
C PRO A 560 37.40 11.17 -23.19
N VAL A 561 36.60 11.82 -22.36
CA VAL A 561 35.72 12.90 -22.81
CA VAL A 561 35.72 12.90 -22.81
C VAL A 561 35.97 14.12 -21.92
N ASP A 562 35.91 15.30 -22.54
CA ASP A 562 36.03 16.57 -21.82
C ASP A 562 34.62 17.13 -21.75
N TYR A 563 33.99 16.95 -20.58
CA TYR A 563 32.64 17.42 -20.36
C TYR A 563 32.58 18.90 -19.97
N ARG A 564 33.67 19.65 -20.11
CA ARG A 564 33.65 21.06 -19.71
C ARG A 564 32.48 21.79 -20.34
N ASP A 565 32.17 21.49 -21.60
CA ASP A 565 31.12 22.20 -22.31
C ASP A 565 29.72 21.64 -22.01
N ASN A 566 29.58 20.66 -21.13
CA ASN A 566 28.26 20.13 -20.82
C ASN A 566 27.29 21.19 -20.34
N PRO A 567 27.66 22.14 -19.48
CA PRO A 567 26.70 23.19 -19.11
C PRO A 567 26.06 23.86 -20.31
N LEU A 568 26.75 23.94 -21.45
CA LEU A 568 26.15 24.54 -22.64
C LEU A 568 24.97 23.72 -23.12
N LEU A 569 25.15 22.40 -23.18
CA LEU A 569 24.05 21.54 -23.61
C LEU A 569 22.98 21.44 -22.55
N MET A 570 23.37 21.30 -21.28
CA MET A 570 22.38 21.14 -20.21
C MET A 570 21.47 22.35 -20.11
N GLY A 571 21.94 23.54 -20.50
CA GLY A 571 21.06 24.69 -20.57
C GLY A 571 19.98 24.59 -21.63
N GLN A 572 20.10 23.65 -22.56
CA GLN A 572 19.06 23.43 -23.55
C GLN A 572 17.93 22.56 -23.04
N LEU A 573 17.95 22.16 -21.78
CA LEU A 573 16.95 21.27 -21.21
C LEU A 573 15.79 22.06 -20.61
N HIS A 574 14.62 21.43 -20.58
CA HIS A 574 13.45 22.01 -19.93
C HIS A 574 13.82 22.49 -18.54
N VAL B 15 4.92 -33.94 29.67
CA VAL B 15 4.87 -32.88 30.71
C VAL B 15 5.21 -31.50 30.13
N PRO B 16 6.17 -31.42 29.20
CA PRO B 16 6.46 -30.12 28.57
C PRO B 16 5.29 -29.66 27.71
N ARG B 17 5.29 -28.35 27.47
CA ARG B 17 4.20 -27.73 26.73
C ARG B 17 4.10 -28.29 25.32
N GLY B 18 5.24 -28.57 24.68
CA GLY B 18 5.27 -29.10 23.34
C GLY B 18 5.26 -30.61 23.25
N SER B 19 5.01 -31.31 24.36
CA SER B 19 5.08 -32.77 24.37
C SER B 19 4.08 -33.37 23.40
N HIS B 20 4.52 -34.41 22.69
CA HIS B 20 3.65 -35.19 21.81
C HIS B 20 3.01 -36.37 22.54
N MET B 21 3.19 -36.48 23.85
CA MET B 21 2.62 -37.54 24.66
C MET B 21 1.88 -36.95 25.86
N ASP B 22 1.19 -35.82 25.66
CA ASP B 22 0.38 -35.17 26.70
C ASP B 22 -1.07 -35.59 26.52
N LYS B 23 -1.60 -36.33 27.50
CA LYS B 23 -2.99 -36.77 27.45
C LYS B 23 -3.98 -35.62 27.46
N GLN B 24 -3.59 -34.44 27.99
CA GLN B 24 -4.47 -33.28 28.00
C GLN B 24 -4.47 -32.54 26.66
N TYR B 25 -3.46 -32.79 25.83
CA TYR B 25 -3.34 -32.18 24.50
C TYR B 25 -2.78 -33.23 23.55
N PRO B 26 -3.55 -34.28 23.28
CA PRO B 26 -3.01 -35.40 22.50
C PRO B 26 -2.82 -35.03 21.03
N VAL B 27 -1.81 -35.65 20.42
CA VAL B 27 -1.68 -35.60 18.97
C VAL B 27 -2.69 -36.55 18.37
N ARG B 28 -3.50 -36.04 17.46
CA ARG B 28 -4.63 -36.80 16.94
C ARG B 28 -4.67 -36.71 15.42
N GLN B 29 -5.31 -37.71 14.84
CA GLN B 29 -5.74 -37.69 13.45
C GLN B 29 -7.17 -37.18 13.49
N TRP B 30 -7.32 -35.87 13.34
CA TRP B 30 -8.64 -35.26 13.40
C TRP B 30 -9.39 -35.51 12.10
N ALA B 31 -10.66 -35.87 12.22
CA ALA B 31 -11.48 -36.09 11.03
C ALA B 31 -11.69 -34.79 10.28
N HIS B 32 -11.76 -33.67 11.00
CA HIS B 32 -12.02 -32.36 10.40
C HIS B 32 -11.16 -31.32 11.09
N GLY B 33 -10.54 -30.45 10.29
CA GLY B 33 -9.74 -29.39 10.88
C GLY B 33 -10.56 -28.53 11.80
N ALA B 34 -11.86 -28.43 11.54
CA ALA B 34 -12.76 -27.65 12.39
C ALA B 34 -12.72 -28.15 13.82
N ASP B 35 -12.60 -29.47 14.01
CA ASP B 35 -12.57 -30.02 15.36
C ASP B 35 -11.32 -29.56 16.10
N LEU B 36 -10.20 -29.47 15.39
CA LEU B 36 -8.96 -29.00 15.99
C LEU B 36 -9.06 -27.51 16.31
N VAL B 37 -9.69 -26.73 15.42
CA VAL B 37 -9.94 -25.32 15.70
C VAL B 37 -10.74 -25.17 17.00
N VAL B 38 -11.81 -25.96 17.14
CA VAL B 38 -12.66 -25.80 18.32
C VAL B 38 -11.90 -26.21 19.58
N SER B 39 -11.13 -27.29 19.49
CA SER B 39 -10.31 -27.71 20.62
C SER B 39 -9.29 -26.62 20.98
N GLN B 40 -8.75 -25.93 19.98
CA GLN B 40 -7.83 -24.85 20.27
C GLN B 40 -8.54 -23.69 20.95
N LEU B 41 -9.75 -23.35 20.48
CA LEU B 41 -10.50 -22.27 21.14
C LEU B 41 -10.73 -22.61 22.60
N GLU B 42 -11.05 -23.87 22.90
CA GLU B 42 -11.22 -24.24 24.29
C GLU B 42 -9.95 -24.00 25.10
N ALA B 43 -8.79 -24.25 24.49
CA ALA B 43 -7.54 -24.04 25.21
C ALA B 43 -7.26 -22.56 25.43
N GLN B 44 -7.85 -21.68 24.64
CA GLN B 44 -7.70 -20.25 24.79
C GLN B 44 -8.71 -19.67 25.77
N GLY B 45 -9.54 -20.52 26.38
CA GLY B 45 -10.48 -20.05 27.36
C GLY B 45 -11.75 -19.46 26.79
N VAL B 46 -12.02 -19.69 25.51
CA VAL B 46 -13.18 -19.09 24.86
C VAL B 46 -14.45 -19.68 25.45
N ARG B 47 -15.39 -18.82 25.85
CA ARG B 47 -16.65 -19.30 26.40
C ARG B 47 -17.83 -19.17 25.45
N GLN B 48 -17.75 -18.29 24.46
CA GLN B 48 -18.79 -18.16 23.45
C GLN B 48 -18.19 -17.60 22.18
N VAL B 49 -18.90 -17.81 21.06
CA VAL B 49 -18.55 -17.21 19.78
CA VAL B 49 -18.57 -17.25 19.78
C VAL B 49 -19.77 -16.46 19.27
N PHE B 50 -19.52 -15.29 18.70
CA PHE B 50 -20.54 -14.42 18.14
C PHE B 50 -20.42 -14.48 16.63
N GLY B 51 -21.53 -14.68 15.92
CA GLY B 51 -21.42 -14.61 14.48
C GLY B 51 -22.68 -15.03 13.75
N ILE B 52 -22.48 -15.27 12.46
CA ILE B 52 -23.53 -15.63 11.51
C ILE B 52 -22.93 -16.70 10.62
N PRO B 53 -23.56 -17.85 10.49
CA PRO B 53 -22.96 -18.93 9.70
C PRO B 53 -23.22 -18.76 8.20
N GLY B 54 -22.52 -19.59 7.44
CA GLY B 54 -22.70 -19.73 6.01
C GLY B 54 -22.02 -21.00 5.60
N ALA B 55 -22.15 -21.34 4.32
CA ALA B 55 -21.72 -22.67 3.88
C ALA B 55 -20.22 -22.89 4.08
N LYS B 56 -19.40 -21.91 3.75
CA LYS B 56 -17.96 -22.13 3.78
C LYS B 56 -17.47 -22.37 5.20
N ILE B 57 -18.15 -21.81 6.21
CA ILE B 57 -17.70 -21.90 7.60
C ILE B 57 -18.56 -22.85 8.43
N ASP B 58 -19.56 -23.51 7.83
CA ASP B 58 -20.54 -24.13 8.68
C ASP B 58 -19.99 -25.34 9.43
N LYS B 59 -18.84 -25.90 9.03
CA LYS B 59 -18.33 -27.03 9.82
C LYS B 59 -17.77 -26.58 11.16
N VAL B 60 -17.32 -25.33 11.27
CA VAL B 60 -16.87 -24.83 12.56
C VAL B 60 -18.05 -24.61 13.48
N PHE B 61 -19.14 -24.06 12.94
CA PHE B 61 -20.37 -23.96 13.72
C PHE B 61 -20.81 -25.33 14.18
N ASP B 62 -20.78 -26.31 13.28
CA ASP B 62 -21.20 -27.66 13.65
C ASP B 62 -20.30 -28.22 14.74
N SER B 63 -18.98 -28.08 14.60
CA SER B 63 -18.09 -28.65 15.61
C SER B 63 -18.28 -28.00 16.97
N LEU B 64 -18.76 -26.75 16.99
CA LEU B 64 -19.01 -26.10 18.27
C LEU B 64 -20.18 -26.74 19.02
N LEU B 65 -21.06 -27.46 18.33
CA LEU B 65 -22.13 -28.16 19.03
C LEU B 65 -21.57 -29.19 20.01
N ASP B 66 -20.41 -29.77 19.71
CA ASP B 66 -19.80 -30.79 20.56
C ASP B 66 -18.86 -30.20 21.59
N SER B 67 -18.95 -28.90 21.84
CA SER B 67 -18.05 -28.18 22.74
CA SER B 67 -18.05 -28.22 22.77
C SER B 67 -18.87 -27.51 23.84
N SER B 68 -18.17 -27.10 24.90
CA SER B 68 -18.77 -26.27 25.92
C SER B 68 -18.94 -24.82 25.48
N ILE B 69 -18.33 -24.44 24.37
CA ILE B 69 -18.43 -23.07 23.91
C ILE B 69 -19.82 -22.81 23.36
N ARG B 70 -20.41 -21.68 23.74
CA ARG B 70 -21.76 -21.33 23.34
C ARG B 70 -21.75 -20.60 22.01
N ILE B 71 -22.64 -21.00 21.10
CA ILE B 71 -22.86 -20.28 19.85
C ILE B 71 -23.88 -19.17 20.11
N ILE B 72 -23.53 -17.95 19.77
CA ILE B 72 -24.43 -16.81 19.89
C ILE B 72 -24.63 -16.20 18.51
N PRO B 73 -25.73 -16.54 17.82
CA PRO B 73 -26.01 -15.90 16.53
C PRO B 73 -26.35 -14.42 16.71
N VAL B 74 -25.73 -13.58 15.90
CA VAL B 74 -26.07 -12.17 15.90
C VAL B 74 -26.88 -11.87 14.64
N ARG B 75 -27.30 -10.64 14.49
CA ARG B 75 -28.11 -10.27 13.35
C ARG B 75 -27.36 -9.44 12.32
N HIS B 76 -26.21 -8.87 12.69
CA HIS B 76 -25.30 -8.29 11.71
C HIS B 76 -23.88 -8.54 12.20
N GLU B 77 -23.01 -9.01 11.30
CA GLU B 77 -21.65 -9.37 11.70
C GLU B 77 -20.90 -8.23 12.39
N ALA B 78 -21.14 -6.98 12.01
CA ALA B 78 -20.41 -5.89 12.66
C ALA B 78 -20.55 -5.99 14.17
N ASN B 79 -21.72 -6.38 14.64
CA ASN B 79 -21.99 -6.40 16.07
C ASN B 79 -21.36 -7.61 16.75
N ALA B 80 -21.03 -8.66 15.99
CA ALA B 80 -20.24 -9.75 16.57
C ALA B 80 -18.85 -9.25 16.94
N ALA B 81 -18.26 -8.40 16.10
CA ALA B 81 -16.98 -7.80 16.44
C ALA B 81 -17.11 -6.88 17.65
N PHE B 82 -18.17 -6.08 17.73
CA PHE B 82 -18.37 -5.21 18.88
C PHE B 82 -18.55 -6.01 20.17
N MET B 83 -19.39 -7.05 20.13
CA MET B 83 -19.61 -7.87 21.32
C MET B 83 -18.30 -8.53 21.76
N ALA B 84 -17.52 -9.03 20.78
CA ALA B 84 -16.25 -9.68 21.09
C ALA B 84 -15.29 -8.72 21.79
N ALA B 85 -15.30 -7.45 21.38
CA ALA B 85 -14.42 -6.47 21.98
C ALA B 85 -14.77 -6.25 23.45
N ALA B 86 -16.06 -6.20 23.77
CA ALA B 86 -16.43 -6.05 25.16
C ALA B 86 -15.92 -7.24 25.98
N VAL B 87 -16.09 -8.45 25.45
CA VAL B 87 -15.59 -9.64 26.14
C VAL B 87 -14.08 -9.54 26.34
N GLY B 88 -13.37 -9.13 25.30
CA GLY B 88 -11.92 -9.04 25.40
C GLY B 88 -11.48 -8.03 26.43
N ARG B 89 -12.10 -6.87 26.44
CA ARG B 89 -11.69 -5.83 27.38
C ARG B 89 -11.92 -6.26 28.82
N ILE B 90 -13.03 -6.95 29.08
CA ILE B 90 -13.39 -7.28 30.45
C ILE B 90 -12.60 -8.48 30.96
N THR B 91 -12.40 -9.50 30.11
CA THR B 91 -11.74 -10.72 30.56
C THR B 91 -10.25 -10.71 30.31
N GLY B 92 -9.75 -9.87 29.40
CA GLY B 92 -8.37 -9.90 29.02
C GLY B 92 -8.01 -11.01 28.06
N LYS B 93 -8.94 -11.90 27.74
CA LYS B 93 -8.76 -12.91 26.72
C LYS B 93 -9.70 -12.61 25.58
N ALA B 94 -9.26 -12.89 24.37
CA ALA B 94 -9.93 -12.37 23.18
C ALA B 94 -11.37 -12.84 23.09
N GLY B 95 -12.26 -11.91 22.78
CA GLY B 95 -13.57 -12.28 22.28
C GLY B 95 -13.45 -12.81 20.87
N VAL B 96 -14.41 -13.63 20.46
CA VAL B 96 -14.33 -14.34 19.19
C VAL B 96 -15.56 -14.08 18.33
N ALA B 97 -15.32 -13.67 17.09
CA ALA B 97 -16.35 -13.57 16.06
C ALA B 97 -16.12 -14.68 15.03
N LEU B 98 -17.21 -15.24 14.52
CA LEU B 98 -17.15 -16.33 13.56
C LEU B 98 -18.11 -16.03 12.42
N VAL B 99 -17.59 -15.92 11.19
CA VAL B 99 -18.39 -15.49 10.04
C VAL B 99 -18.00 -16.31 8.81
N THR B 100 -18.84 -16.23 7.76
CA THR B 100 -18.58 -16.95 6.52
C THR B 100 -17.80 -16.05 5.54
N SER B 101 -17.48 -16.61 4.37
CA SER B 101 -16.66 -15.92 3.38
C SER B 101 -17.40 -14.73 2.80
N GLY B 102 -16.65 -13.89 2.12
CA GLY B 102 -17.23 -12.82 1.35
C GLY B 102 -17.83 -11.77 2.24
N PRO B 103 -19.11 -11.44 2.05
CA PRO B 103 -19.70 -10.35 2.84
C PRO B 103 -19.79 -10.66 4.33
N GLY B 104 -19.73 -11.93 4.72
CA GLY B 104 -19.63 -12.22 6.14
C GLY B 104 -18.38 -11.62 6.74
N CYS B 105 -17.27 -11.68 6.00
CA CYS B 105 -16.00 -11.11 6.45
C CYS B 105 -16.00 -9.60 6.31
N SER B 106 -16.36 -9.08 5.15
CA SER B 106 -16.22 -7.65 4.96
C SER B 106 -17.17 -6.87 5.88
N ASN B 107 -18.24 -7.48 6.37
CA ASN B 107 -19.10 -6.82 7.35
C ASN B 107 -18.42 -6.66 8.71
N LEU B 108 -17.22 -7.21 8.91
CA LEU B 108 -16.52 -7.11 10.19
C LEU B 108 -15.55 -5.93 10.28
N ILE B 109 -15.26 -5.26 9.17
CA ILE B 109 -14.05 -4.46 9.10
C ILE B 109 -14.12 -3.28 10.06
N THR B 110 -15.24 -2.56 10.08
CA THR B 110 -15.36 -1.45 11.03
C THR B 110 -15.20 -1.94 12.46
N GLY B 111 -15.81 -3.07 12.80
CA GLY B 111 -15.69 -3.58 14.16
C GLY B 111 -14.27 -3.98 14.51
N MET B 112 -13.53 -4.56 13.54
CA MET B 112 -12.16 -4.95 13.84
C MET B 112 -11.28 -3.71 14.01
N ALA B 113 -11.54 -2.68 13.21
CA ALA B 113 -10.78 -1.43 13.34
C ALA B 113 -11.05 -0.78 14.69
N THR B 114 -12.30 -0.85 15.15
CA THR B 114 -12.65 -0.24 16.43
C THR B 114 -11.98 -0.98 17.56
N ALA B 115 -11.94 -2.31 17.50
CA ALA B 115 -11.27 -3.08 18.52
C ALA B 115 -9.77 -2.78 18.54
N ASN B 116 -9.15 -2.75 17.36
CA ASN B 116 -7.71 -2.52 17.28
C ASN B 116 -7.34 -1.15 17.82
N SER B 117 -8.16 -0.14 17.50
N SER B 117 -8.15 -0.13 17.51
CA SER B 117 -7.85 1.21 17.96
CA SER B 117 -7.82 1.21 17.98
C SER B 117 -7.97 1.34 19.47
C SER B 117 -7.93 1.31 19.49
N GLU B 118 -8.92 0.66 20.08
CA GLU B 118 -9.12 0.72 21.53
C GLU B 118 -8.24 -0.26 22.30
N GLY B 119 -7.56 -1.17 21.63
CA GLY B 119 -6.76 -2.16 22.32
C GLY B 119 -7.58 -3.27 22.94
N ASP B 120 -8.70 -3.63 22.34
CA ASP B 120 -9.53 -4.72 22.83
C ASP B 120 -9.14 -5.99 22.12
N PRO B 121 -8.79 -7.06 22.83
CA PRO B 121 -8.43 -8.32 22.16
C PRO B 121 -9.64 -9.00 21.52
N VAL B 122 -9.56 -9.21 20.22
CA VAL B 122 -10.61 -9.83 19.42
C VAL B 122 -9.96 -10.71 18.38
N VAL B 123 -10.45 -11.93 18.25
CA VAL B 123 -10.06 -12.84 17.18
C VAL B 123 -11.28 -13.10 16.33
N ALA B 124 -11.19 -12.81 15.03
CA ALA B 124 -12.24 -13.11 14.07
C ALA B 124 -11.78 -14.26 13.22
N LEU B 125 -12.61 -15.30 13.14
CA LEU B 125 -12.40 -16.42 12.26
C LEU B 125 -13.38 -16.29 11.10
N GLY B 126 -12.86 -16.15 9.89
CA GLY B 126 -13.69 -16.00 8.72
C GLY B 126 -13.55 -17.13 7.71
N GLY B 127 -14.68 -17.65 7.24
CA GLY B 127 -14.64 -18.65 6.20
C GLY B 127 -14.05 -18.12 4.89
N ALA B 128 -13.61 -19.05 4.06
CA ALA B 128 -13.06 -18.72 2.76
C ALA B 128 -13.36 -19.86 1.80
N VAL B 129 -13.32 -19.54 0.50
CA VAL B 129 -13.52 -20.59 -0.50
C VAL B 129 -12.41 -21.64 -0.41
N LYS B 130 -12.65 -22.80 -1.02
CA LYS B 130 -11.63 -23.83 -1.06
C LYS B 130 -10.35 -23.29 -1.71
N ARG B 131 -9.21 -23.78 -1.22
CA ARG B 131 -7.92 -23.31 -1.72
C ARG B 131 -7.83 -23.37 -3.24
N ALA B 132 -8.34 -24.45 -3.85
CA ALA B 132 -8.24 -24.60 -5.29
C ALA B 132 -9.00 -23.50 -6.03
N ASP B 133 -9.99 -22.88 -5.39
CA ASP B 133 -10.86 -21.90 -6.03
C ASP B 133 -10.45 -20.47 -5.73
N LYS B 134 -9.44 -20.27 -4.90
CA LYS B 134 -9.09 -18.91 -4.46
C LYS B 134 -8.88 -17.96 -5.63
N ALA B 135 -8.22 -18.41 -6.68
CA ALA B 135 -7.82 -17.51 -7.75
C ALA B 135 -8.89 -17.29 -8.81
N LYS B 136 -10.01 -17.99 -8.75
CA LYS B 136 -11.03 -17.82 -9.77
C LYS B 136 -11.62 -16.42 -9.72
N GLN B 137 -12.00 -15.92 -10.90
CA GLN B 137 -12.38 -14.51 -11.01
C GLN B 137 -13.63 -14.18 -10.20
N VAL B 138 -14.55 -15.14 -10.04
CA VAL B 138 -15.75 -14.92 -9.21
C VAL B 138 -15.38 -14.36 -7.84
N HIS B 139 -14.22 -14.73 -7.31
CA HIS B 139 -13.83 -14.41 -5.94
C HIS B 139 -12.73 -13.34 -5.88
N GLN B 140 -12.55 -12.56 -6.95
CA GLN B 140 -11.45 -11.61 -7.02
C GLN B 140 -11.62 -10.41 -6.10
N SER B 141 -12.85 -10.05 -5.72
CA SER B 141 -13.09 -8.90 -4.87
C SER B 141 -13.16 -9.27 -3.39
N MET B 142 -12.50 -10.35 -2.96
CA MET B 142 -12.55 -10.75 -1.56
C MET B 142 -11.22 -11.39 -1.13
N ASP B 143 -10.13 -10.68 -1.39
CA ASP B 143 -8.87 -10.91 -0.67
C ASP B 143 -8.99 -10.38 0.76
N THR B 144 -9.48 -11.21 1.67
CA THR B 144 -9.83 -10.70 2.99
C THR B 144 -8.59 -10.36 3.81
N VAL B 145 -7.49 -11.10 3.63
CA VAL B 145 -6.26 -10.75 4.34
C VAL B 145 -5.83 -9.35 3.96
N ALA B 146 -5.88 -9.01 2.68
CA ALA B 146 -5.51 -7.66 2.27
C ALA B 146 -6.45 -6.61 2.85
N MET B 147 -7.74 -6.95 2.96
CA MET B 147 -8.72 -6.00 3.47
C MET B 147 -8.58 -5.80 4.99
N PHE B 148 -8.20 -6.83 5.72
CA PHE B 148 -8.11 -6.72 7.17
C PHE B 148 -6.75 -6.24 7.65
N SER B 149 -5.71 -6.37 6.83
CA SER B 149 -4.38 -5.97 7.24
C SER B 149 -4.34 -4.53 7.73
N PRO B 150 -5.01 -3.57 7.10
CA PRO B 150 -4.92 -2.18 7.60
C PRO B 150 -5.62 -1.94 8.94
N VAL B 151 -6.44 -2.88 9.45
CA VAL B 151 -7.26 -2.60 10.64
C VAL B 151 -7.07 -3.66 11.72
N THR B 152 -5.98 -4.43 11.63
CA THR B 152 -5.72 -5.47 12.61
C THR B 152 -4.23 -5.46 12.94
N LYS B 153 -3.89 -6.08 14.08
CA LYS B 153 -2.50 -6.41 14.42
C LYS B 153 -1.98 -7.62 13.65
N TYR B 154 -2.88 -8.51 13.28
CA TYR B 154 -2.55 -9.83 12.74
C TYR B 154 -3.65 -10.24 11.78
N ALA B 155 -3.27 -10.65 10.58
CA ALA B 155 -4.24 -11.15 9.60
C ALA B 155 -3.54 -12.16 8.73
N ILE B 156 -4.09 -13.36 8.65
CA ILE B 156 -3.43 -14.47 7.97
C ILE B 156 -4.49 -15.44 7.45
N GLU B 157 -4.15 -16.16 6.39
CA GLU B 157 -4.96 -17.25 5.89
C GLU B 157 -4.25 -18.58 6.10
N VAL B 158 -4.99 -19.60 6.53
CA VAL B 158 -4.43 -20.93 6.70
C VAL B 158 -4.44 -21.63 5.34
N THR B 159 -3.26 -21.87 4.78
CA THR B 159 -3.14 -22.58 3.52
C THR B 159 -2.61 -24.00 3.68
N ALA B 160 -2.11 -24.35 4.86
CA ALA B 160 -1.63 -25.70 5.14
C ALA B 160 -2.41 -26.26 6.31
N PRO B 161 -3.11 -27.38 6.17
CA PRO B 161 -3.88 -27.89 7.32
C PRO B 161 -3.02 -28.09 8.56
N ASP B 162 -1.77 -28.49 8.40
CA ASP B 162 -0.90 -28.74 9.55
C ASP B 162 -0.69 -27.49 10.39
N ALA B 163 -0.97 -26.31 9.84
CA ALA B 163 -0.76 -25.04 10.53
C ALA B 163 -1.99 -24.52 11.25
N LEU B 164 -3.10 -25.26 11.20
CA LEU B 164 -4.38 -24.76 11.70
C LEU B 164 -4.30 -24.30 13.15
N ALA B 165 -3.80 -25.16 14.05
CA ALA B 165 -3.75 -24.82 15.47
C ALA B 165 -2.73 -23.72 15.72
N GLU B 166 -1.57 -23.80 15.08
CA GLU B 166 -0.54 -22.76 15.19
C GLU B 166 -1.10 -21.38 14.84
N VAL B 167 -1.85 -21.29 13.73
CA VAL B 167 -2.35 -19.98 13.31
C VAL B 167 -3.40 -19.45 14.29
N VAL B 168 -4.30 -20.33 14.74
CA VAL B 168 -5.33 -19.88 15.68
C VAL B 168 -4.68 -19.46 16.99
N SER B 169 -3.75 -20.27 17.49
CA SER B 169 -2.97 -19.92 18.68
C SER B 169 -2.25 -18.59 18.50
N ASN B 170 -1.57 -18.39 17.36
CA ASN B 170 -0.83 -17.16 17.13
C ASN B 170 -1.76 -15.96 17.05
N ALA B 171 -2.97 -16.14 16.53
CA ALA B 171 -3.94 -15.04 16.45
C ALA B 171 -4.34 -14.57 17.85
N PHE B 172 -4.59 -15.52 18.76
CA PHE B 172 -4.90 -15.15 20.15
C PHE B 172 -3.71 -14.47 20.82
N ARG B 173 -2.50 -14.95 20.53
CA ARG B 173 -1.31 -14.35 21.11
C ARG B 173 -1.09 -12.93 20.61
N ALA B 174 -1.33 -12.69 19.32
CA ALA B 174 -1.26 -11.33 18.79
C ALA B 174 -2.31 -10.44 19.41
N ALA B 175 -3.54 -10.95 19.55
CA ALA B 175 -4.63 -10.13 20.08
C ALA B 175 -4.40 -9.78 21.54
N GLU B 176 -3.84 -10.70 22.32
CA GLU B 176 -3.85 -10.58 23.77
C GLU B 176 -2.57 -10.02 24.36
N GLN B 177 -1.42 -10.29 23.73
CA GLN B 177 -0.14 -9.93 24.31
C GLN B 177 0.36 -8.61 23.72
N GLY B 178 1.43 -8.09 24.30
CA GLY B 178 1.87 -6.76 23.92
C GLY B 178 0.77 -5.76 24.23
N ARG B 179 0.64 -4.76 23.37
CA ARG B 179 -0.56 -3.92 23.40
C ARG B 179 -1.68 -4.65 22.67
N PRO B 180 -2.77 -5.01 23.33
CA PRO B 180 -3.77 -5.87 22.68
C PRO B 180 -4.39 -5.20 21.46
N GLY B 181 -5.00 -6.03 20.63
CA GLY B 181 -5.69 -5.54 19.45
C GLY B 181 -6.45 -6.67 18.78
N SER B 182 -6.81 -6.46 17.52
CA SER B 182 -7.66 -7.42 16.82
C SER B 182 -6.83 -8.26 15.85
N ALA B 183 -7.32 -9.47 15.59
CA ALA B 183 -6.62 -10.45 14.75
C ALA B 183 -7.65 -11.19 13.91
N PHE B 184 -7.28 -11.46 12.66
CA PHE B 184 -8.17 -12.10 11.71
C PHE B 184 -7.53 -13.36 11.14
N VAL B 185 -8.30 -14.43 11.06
CA VAL B 185 -7.85 -15.68 10.48
C VAL B 185 -8.84 -16.09 9.41
N SER B 186 -8.35 -16.29 8.19
CA SER B 186 -9.16 -16.82 7.11
C SER B 186 -8.98 -18.33 7.06
N LEU B 187 -10.12 -19.03 7.05
CA LEU B 187 -10.15 -20.50 7.09
C LEU B 187 -10.78 -21.06 5.81
N PRO B 188 -9.99 -21.54 4.85
CA PRO B 188 -10.56 -22.14 3.63
C PRO B 188 -11.42 -23.35 3.95
N GLN B 189 -12.57 -23.42 3.27
CA GLN B 189 -13.54 -24.48 3.54
C GLN B 189 -12.90 -25.86 3.52
N ASP B 190 -12.01 -26.12 2.56
CA ASP B 190 -11.48 -27.47 2.47
C ASP B 190 -10.52 -27.77 3.61
N VAL B 191 -9.89 -26.74 4.19
CA VAL B 191 -9.00 -26.96 5.32
C VAL B 191 -9.78 -27.33 6.58
N VAL B 192 -10.91 -26.66 6.84
CA VAL B 192 -11.65 -26.98 8.04
C VAL B 192 -12.52 -28.23 7.87
N ASP B 193 -12.89 -28.58 6.63
CA ASP B 193 -13.73 -29.76 6.44
C ASP B 193 -12.90 -31.02 6.36
N GLY B 194 -11.64 -30.93 5.94
CA GLY B 194 -10.84 -32.11 5.71
C GLY B 194 -10.02 -32.53 6.91
N PRO B 195 -9.37 -33.69 6.82
CA PRO B 195 -8.62 -34.20 7.96
C PRO B 195 -7.35 -33.39 8.21
N VAL B 196 -6.87 -33.47 9.45
CA VAL B 196 -5.63 -32.82 9.85
C VAL B 196 -4.98 -33.69 10.92
N SER B 197 -3.66 -33.66 10.95
CA SER B 197 -2.88 -34.31 11.99
C SER B 197 -2.20 -33.21 12.81
N GLY B 198 -2.38 -33.26 14.13
CA GLY B 198 -1.75 -32.28 14.99
C GLY B 198 -2.34 -32.31 16.39
N LYS B 199 -1.83 -31.39 17.22
CA LYS B 199 -2.31 -31.25 18.58
C LYS B 199 -2.62 -29.79 18.87
N VAL B 200 -3.41 -29.58 19.93
CA VAL B 200 -3.64 -28.25 20.46
C VAL B 200 -2.33 -27.68 21.00
N LEU B 201 -2.16 -26.38 20.87
CA LEU B 201 -1.03 -25.69 21.47
C LEU B 201 -1.48 -25.05 22.78
N PRO B 202 -1.02 -25.52 23.94
CA PRO B 202 -1.42 -24.87 25.19
C PRO B 202 -1.05 -23.40 25.18
N ALA B 203 -1.92 -22.59 25.77
CA ALA B 203 -1.76 -21.14 25.73
C ALA B 203 -0.73 -20.70 26.75
N SER B 204 0.11 -19.74 26.35
CA SER B 204 1.13 -19.21 27.25
C SER B 204 0.65 -17.92 27.90
N GLY B 205 1.21 -17.63 29.07
CA GLY B 205 0.95 -16.38 29.73
C GLY B 205 1.83 -15.27 29.18
N ALA B 206 1.78 -14.14 29.86
CA ALA B 206 2.67 -13.04 29.52
C ALA B 206 4.11 -13.48 29.77
N PRO B 207 5.06 -12.84 29.08
CA PRO B 207 6.47 -13.15 29.33
C PRO B 207 6.90 -12.72 30.72
N GLN B 208 7.93 -13.37 31.23
CA GLN B 208 8.58 -12.93 32.46
C GLN B 208 9.60 -11.91 32.03
N MET B 209 9.21 -10.65 32.08
CA MET B 209 9.94 -9.57 31.44
C MET B 209 10.64 -8.73 32.49
N GLY B 210 11.88 -8.37 32.20
CA GLY B 210 12.60 -7.50 33.11
C GLY B 210 11.92 -6.15 33.23
N ALA B 211 12.09 -5.54 34.39
CA ALA B 211 11.76 -4.15 34.58
C ALA B 211 12.67 -3.28 33.73
N ALA B 212 12.42 -1.97 33.73
CA ALA B 212 13.36 -1.06 33.11
C ALA B 212 14.71 -1.13 33.81
N PRO B 213 15.80 -0.77 33.12
CA PRO B 213 17.13 -0.84 33.75
C PRO B 213 17.21 0.05 34.97
N ASP B 214 17.99 -0.41 35.96
CA ASP B 214 18.06 0.27 37.24
C ASP B 214 18.60 1.68 37.10
N ASP B 215 19.59 1.89 36.24
CA ASP B 215 20.16 3.23 36.10
C ASP B 215 19.13 4.21 35.57
N ALA B 216 18.28 3.75 34.65
CA ALA B 216 17.22 4.60 34.10
C ALA B 216 16.18 4.91 35.17
N ILE B 217 15.86 3.94 36.01
CA ILE B 217 14.88 4.15 37.06
C ILE B 217 15.38 5.17 38.07
N ASP B 218 16.65 5.07 38.46
CA ASP B 218 17.24 6.09 39.33
C ASP B 218 17.20 7.46 38.68
N GLN B 219 17.51 7.53 37.38
CA GLN B 219 17.41 8.79 36.66
C GLN B 219 16.02 9.42 36.83
N VAL B 220 14.96 8.60 36.74
CA VAL B 220 13.61 9.11 36.84
C VAL B 220 13.26 9.44 38.29
N ALA B 221 13.74 8.64 39.25
CA ALA B 221 13.56 8.99 40.65
C ALA B 221 14.16 10.36 40.97
N LYS B 222 15.33 10.66 40.41
CA LYS B 222 15.93 11.98 40.63
C LYS B 222 15.08 13.08 40.00
N LEU B 223 14.51 12.82 38.82
CA LEU B 223 13.64 13.79 38.20
C LEU B 223 12.41 14.04 39.05
N ILE B 224 11.84 12.98 39.62
CA ILE B 224 10.71 13.15 40.53
C ILE B 224 11.11 14.03 41.70
N ALA B 225 12.29 13.79 42.27
CA ALA B 225 12.71 14.54 43.46
C ALA B 225 12.85 16.03 43.17
N GLN B 226 13.11 16.39 41.93
CA GLN B 226 13.33 17.78 41.58
C GLN B 226 12.08 18.48 41.07
N ALA B 227 11.03 17.74 40.69
CA ALA B 227 9.86 18.32 40.04
C ALA B 227 8.97 19.03 41.05
N LYS B 228 8.39 20.15 40.63
CA LYS B 228 7.40 20.83 41.46
C LYS B 228 5.97 20.50 41.07
N ASN B 229 5.74 20.09 39.83
CA ASN B 229 4.38 19.81 39.34
C ASN B 229 4.41 18.53 38.50
N PRO B 230 4.86 17.42 39.09
CA PRO B 230 4.83 16.15 38.36
C PRO B 230 3.40 15.67 38.22
N ILE B 231 3.15 14.87 37.19
CA ILE B 231 1.86 14.23 37.02
C ILE B 231 2.07 12.93 36.27
N PHE B 232 1.31 11.89 36.67
CA PHE B 232 1.25 10.63 35.94
C PHE B 232 0.12 10.70 34.92
N LEU B 233 0.40 10.27 33.69
CA LEU B 233 -0.59 10.15 32.63
C LEU B 233 -0.73 8.67 32.32
N LEU B 234 -1.89 8.09 32.67
CA LEU B 234 -2.09 6.66 32.50
C LEU B 234 -2.74 6.35 31.16
N GLY B 235 -2.22 5.33 30.47
CA GLY B 235 -2.80 4.82 29.26
C GLY B 235 -3.34 3.40 29.43
N LEU B 236 -3.68 2.81 28.27
CA LEU B 236 -4.30 1.50 28.20
C LEU B 236 -3.67 0.46 29.12
N MET B 237 -2.35 0.31 29.07
CA MET B 237 -1.75 -0.81 29.77
C MET B 237 -1.73 -0.61 31.29
N ALA B 238 -1.88 0.63 31.74
CA ALA B 238 -2.00 0.86 33.18
C ALA B 238 -3.24 0.19 33.75
N SER B 239 -4.22 -0.12 32.90
CA SER B 239 -5.47 -0.71 33.36
C SER B 239 -5.40 -2.22 33.49
N GLN B 240 -4.29 -2.84 33.11
CA GLN B 240 -4.24 -4.29 33.17
C GLN B 240 -4.10 -4.74 34.62
N PRO B 241 -4.77 -5.84 35.00
CA PRO B 241 -4.77 -6.23 36.43
C PRO B 241 -3.40 -6.53 36.98
N GLU B 242 -2.48 -7.00 36.14
CA GLU B 242 -1.14 -7.31 36.63
C GLU B 242 -0.42 -6.07 37.15
N ASN B 243 -0.89 -4.87 36.80
CA ASN B 243 -0.23 -3.64 37.20
C ASN B 243 -0.93 -2.96 38.38
N SER B 244 -2.06 -3.49 38.84
CA SER B 244 -2.91 -2.79 39.78
C SER B 244 -2.20 -2.52 41.11
N LYS B 245 -1.67 -3.57 41.75
CA LYS B 245 -1.03 -3.35 43.04
C LYS B 245 0.15 -2.40 42.92
N ALA B 246 0.96 -2.56 41.86
CA ALA B 246 2.16 -1.76 41.72
C ALA B 246 1.80 -0.29 41.49
N LEU B 247 0.78 -0.04 40.67
CA LEU B 247 0.33 1.32 40.44
C LEU B 247 -0.17 1.95 41.73
N ARG B 248 -0.98 1.20 42.50
CA ARG B 248 -1.50 1.73 43.75
C ARG B 248 -0.35 2.07 44.69
N ARG B 249 0.63 1.18 44.80
CA ARG B 249 1.74 1.42 45.73
C ARG B 249 2.55 2.64 45.32
N LEU B 250 2.80 2.82 44.02
CA LEU B 250 3.54 3.99 43.57
C LEU B 250 2.77 5.27 43.87
N LEU B 251 1.46 5.26 43.66
CA LEU B 251 0.68 6.46 43.92
C LEU B 251 0.66 6.79 45.40
N GLU B 252 0.58 5.77 46.25
CA GLU B 252 0.56 6.03 47.69
C GLU B 252 1.90 6.55 48.18
N THR B 253 2.99 6.00 47.67
CA THR B 253 4.31 6.41 48.10
C THR B 253 4.66 7.81 47.57
N SER B 254 4.34 8.08 46.31
CA SER B 254 4.75 9.34 45.70
C SER B 254 3.76 10.48 45.97
N HIS B 255 2.48 10.15 46.09
CA HIS B 255 1.41 11.13 46.21
C HIS B 255 1.40 12.10 45.03
N ILE B 256 1.86 11.63 43.87
CA ILE B 256 1.87 12.44 42.67
C ILE B 256 0.49 12.39 42.03
N PRO B 257 -0.06 13.50 41.53
CA PRO B 257 -1.37 13.45 40.90
C PRO B 257 -1.37 12.57 39.65
N VAL B 258 -2.57 12.17 39.24
CA VAL B 258 -2.73 11.22 38.14
C VAL B 258 -3.95 11.61 37.30
N THR B 259 -3.81 11.48 35.98
CA THR B 259 -4.92 11.61 35.05
C THR B 259 -4.82 10.47 34.07
N SER B 260 -5.96 10.09 33.47
CA SER B 260 -6.08 8.88 32.68
C SER B 260 -6.67 9.18 31.31
N THR B 261 -6.14 8.55 30.28
CA THR B 261 -6.86 8.55 29.02
C THR B 261 -8.13 7.74 29.18
N TYR B 262 -9.05 7.87 28.23
CA TYR B 262 -10.24 7.04 28.30
C TYR B 262 -9.91 5.56 28.15
N GLN B 263 -8.84 5.22 27.42
CA GLN B 263 -8.46 3.82 27.29
C GLN B 263 -7.93 3.23 28.59
N ALA B 264 -7.45 4.06 29.50
CA ALA B 264 -6.97 3.55 30.78
C ALA B 264 -8.10 3.05 31.66
N ALA B 265 -9.36 3.34 31.29
CA ALA B 265 -10.53 2.67 31.88
C ALA B 265 -10.52 2.94 33.39
N GLY B 266 -10.69 1.93 34.22
CA GLY B 266 -10.71 2.14 35.65
C GLY B 266 -9.38 1.86 36.30
N ALA B 267 -8.28 2.19 35.62
CA ALA B 267 -6.95 1.99 36.23
C ALA B 267 -6.90 2.61 37.61
N VAL B 268 -7.49 3.80 37.78
CA VAL B 268 -7.56 4.50 39.06
C VAL B 268 -8.95 5.13 39.14
N ASN B 269 -9.51 5.18 40.35
CA ASN B 269 -10.78 5.86 40.58
C ASN B 269 -10.62 6.86 41.72
N GLN B 270 -11.49 7.88 41.72
CA GLN B 270 -11.41 8.92 42.73
C GLN B 270 -11.59 8.37 44.14
N ASP B 271 -12.30 7.25 44.28
CA ASP B 271 -12.60 6.71 45.60
C ASP B 271 -11.35 6.24 46.33
N ASN B 272 -10.31 5.84 45.57
CA ASN B 272 -9.11 5.26 46.16
C ASN B 272 -7.95 6.23 46.21
N PHE B 273 -7.89 7.21 45.31
CA PHE B 273 -6.77 8.14 45.23
C PHE B 273 -7.30 9.56 45.18
N SER B 274 -6.99 10.34 46.22
CA SER B 274 -7.50 11.69 46.36
C SER B 274 -6.93 12.67 45.35
N ARG B 275 -5.84 12.31 44.68
CA ARG B 275 -5.20 13.22 43.74
C ARG B 275 -5.41 12.76 42.29
N PHE B 276 -6.51 12.05 42.06
CA PHE B 276 -6.92 11.67 40.71
C PHE B 276 -7.64 12.85 40.09
N ALA B 277 -7.19 13.27 38.93
CA ALA B 277 -7.69 14.47 38.29
C ALA B 277 -8.76 14.19 37.25
N GLY B 278 -9.13 12.94 37.06
CA GLY B 278 -10.08 12.59 36.03
C GLY B 278 -9.42 12.20 34.72
N ARG B 279 -10.21 12.25 33.67
CA ARG B 279 -9.82 11.75 32.36
C ARG B 279 -9.37 12.90 31.46
N VAL B 280 -8.60 12.54 30.45
CA VAL B 280 -8.23 13.44 29.37
C VAL B 280 -8.44 12.70 28.04
N GLY B 281 -8.63 13.48 26.99
CA GLY B 281 -8.80 12.93 25.66
C GLY B 281 -9.84 13.65 24.82
N LEU B 282 -10.73 14.40 25.46
CA LEU B 282 -11.78 15.12 24.74
C LEU B 282 -11.79 16.61 25.03
N PHE B 283 -11.78 17.00 26.31
CA PHE B 283 -11.93 18.39 26.70
C PHE B 283 -10.57 19.07 26.74
N ASN B 284 -10.59 20.41 26.76
CA ASN B 284 -9.36 21.19 26.80
C ASN B 284 -9.21 21.96 28.10
N ASN B 285 -10.14 21.79 29.05
CA ASN B 285 -10.24 22.70 30.19
C ASN B 285 -10.52 21.99 31.50
N GLN B 286 -10.38 20.68 31.59
CA GLN B 286 -10.65 19.97 32.84
C GLN B 286 -9.38 19.83 33.67
N ALA B 287 -9.54 19.30 34.88
CA ALA B 287 -8.42 19.28 35.83
C ALA B 287 -7.20 18.57 35.24
N GLY B 288 -7.38 17.46 34.54
CA GLY B 288 -6.25 16.76 33.98
C GLY B 288 -5.54 17.59 32.94
N ASP B 289 -6.30 18.30 32.13
CA ASP B 289 -5.71 19.15 31.10
C ASP B 289 -4.92 20.28 31.74
N ARG B 290 -5.44 20.88 32.82
CA ARG B 290 -4.74 21.99 33.45
C ARG B 290 -3.48 21.51 34.16
N LEU B 291 -3.51 20.31 34.77
CA LEU B 291 -2.30 19.80 35.39
C LEU B 291 -1.25 19.41 34.34
N LEU B 292 -1.66 18.87 33.20
CA LEU B 292 -0.71 18.59 32.14
C LEU B 292 -0.08 19.88 31.62
N GLN B 293 -0.88 20.95 31.53
CA GLN B 293 -0.37 22.23 31.08
C GLN B 293 0.62 22.80 32.07
N LEU B 294 0.37 22.59 33.37
CA LEU B 294 1.21 23.10 34.43
C LEU B 294 2.47 22.28 34.64
N ALA B 295 2.47 21.02 34.22
CA ALA B 295 3.51 20.08 34.64
C ALA B 295 4.90 20.52 34.19
N ASP B 296 5.89 20.29 35.05
CA ASP B 296 7.28 20.28 34.65
C ASP B 296 7.82 18.87 34.41
N LEU B 297 7.04 17.85 34.73
CA LEU B 297 7.44 16.46 34.51
C LEU B 297 6.17 15.66 34.28
N VAL B 298 6.09 14.99 33.13
CA VAL B 298 4.98 14.10 32.84
C VAL B 298 5.53 12.70 32.71
N ILE B 299 4.98 11.76 33.48
CA ILE B 299 5.37 10.36 33.45
C ILE B 299 4.19 9.57 32.90
N CYS B 300 4.33 9.10 31.67
CA CYS B 300 3.31 8.32 31.01
C CYS B 300 3.50 6.85 31.32
N ILE B 301 2.41 6.18 31.70
CA ILE B 301 2.46 4.77 32.07
C ILE B 301 1.50 3.99 31.18
N GLY B 302 2.04 3.06 30.40
CA GLY B 302 1.21 2.21 29.55
C GLY B 302 0.50 2.97 28.47
N TYR B 303 1.04 4.11 28.05
CA TYR B 303 0.40 5.05 27.15
C TYR B 303 1.06 4.99 25.78
N SER B 304 0.25 5.11 24.74
CA SER B 304 0.73 5.29 23.38
C SER B 304 0.00 6.47 22.75
N PRO B 305 0.66 7.22 21.87
CA PRO B 305 -0.02 8.32 21.19
C PRO B 305 -1.31 7.94 20.49
N VAL B 306 -1.53 6.66 20.17
CA VAL B 306 -2.79 6.25 19.54
C VAL B 306 -3.98 6.60 20.43
N GLU B 307 -3.77 6.69 21.75
CA GLU B 307 -4.89 6.88 22.68
C GLU B 307 -5.36 8.32 22.73
N TYR B 308 -4.46 9.27 22.51
CA TYR B 308 -4.75 10.69 22.70
C TYR B 308 -3.63 11.48 22.03
N GLU B 309 -3.94 12.18 20.94
CA GLU B 309 -2.91 12.85 20.13
C GLU B 309 -2.04 13.75 21.00
N PRO B 310 -0.73 13.53 21.05
CA PRO B 310 0.13 14.34 21.96
C PRO B 310 0.14 15.83 21.67
N ALA B 311 -0.10 16.24 20.42
CA ALA B 311 -0.20 17.67 20.13
C ALA B 311 -1.28 18.35 20.96
N MET B 312 -2.27 17.61 21.45
CA MET B 312 -3.34 18.23 22.22
C MET B 312 -2.92 18.53 23.65
N TRP B 313 -2.05 17.72 24.25
CA TRP B 313 -1.74 17.87 25.67
C TRP B 313 -0.29 18.22 25.97
N ASN B 314 0.66 17.87 25.10
CA ASN B 314 2.08 18.05 25.42
C ASN B 314 2.55 19.43 24.98
N SER B 315 2.69 20.34 25.96
CA SER B 315 3.15 21.69 25.68
C SER B 315 4.62 21.75 25.31
N GLY B 316 5.36 20.65 25.44
CA GLY B 316 6.77 20.67 25.17
C GLY B 316 7.62 21.29 26.25
N ASN B 317 7.01 21.83 27.31
CA ASN B 317 7.75 22.46 28.40
C ASN B 317 8.09 21.51 29.54
N ALA B 318 7.52 20.32 29.59
CA ALA B 318 7.80 19.39 30.66
C ALA B 318 8.80 18.33 30.19
N THR B 319 9.58 17.83 31.14
CA THR B 319 10.32 16.60 30.89
C THR B 319 9.34 15.44 30.77
N LEU B 320 9.60 14.54 29.82
CA LEU B 320 8.66 13.50 29.44
C LEU B 320 9.29 12.14 29.67
N VAL B 321 8.65 11.32 30.49
CA VAL B 321 9.09 9.95 30.74
C VAL B 321 8.04 8.99 30.20
N HIS B 322 8.52 7.95 29.51
CA HIS B 322 7.70 6.92 28.88
C HIS B 322 7.96 5.61 29.59
N ILE B 323 6.92 5.05 30.22
CA ILE B 323 6.97 3.74 30.86
C ILE B 323 5.99 2.82 30.13
N ASP B 324 6.48 1.74 29.54
CA ASP B 324 5.59 0.83 28.82
C ASP B 324 6.36 -0.45 28.53
N VAL B 325 5.63 -1.45 28.04
CA VAL B 325 6.23 -2.71 27.64
C VAL B 325 6.94 -2.60 26.31
N LEU B 326 6.76 -1.50 25.59
CA LEU B 326 7.34 -1.29 24.27
C LEU B 326 8.03 0.06 24.26
N PRO B 327 9.12 0.20 23.51
CA PRO B 327 9.70 1.53 23.31
C PRO B 327 8.68 2.48 22.69
N ALA B 328 8.89 3.77 22.87
CA ALA B 328 8.02 4.75 22.26
C ALA B 328 8.19 4.73 20.73
N TYR B 329 7.12 5.07 20.02
CA TYR B 329 7.21 5.47 18.62
C TYR B 329 7.18 6.99 18.63
N GLU B 330 8.29 7.60 18.29
CA GLU B 330 8.43 9.04 18.45
C GLU B 330 7.70 9.74 17.32
N GLU B 331 6.78 10.62 17.67
CA GLU B 331 6.12 11.44 16.67
C GLU B 331 6.19 12.88 17.14
N ARG B 332 5.65 13.76 16.32
CA ARG B 332 5.55 15.15 16.70
C ARG B 332 4.87 15.23 18.05
N ASN B 333 5.53 15.91 19.01
CA ASN B 333 5.02 16.17 20.33
C ASN B 333 5.03 14.96 21.24
N TYR B 334 5.74 13.90 20.87
CA TYR B 334 5.95 12.77 21.78
C TYR B 334 7.34 12.19 21.47
N THR B 335 8.35 12.84 22.03
CA THR B 335 9.74 12.37 21.94
C THR B 335 10.28 12.30 23.37
N PRO B 336 10.07 11.19 24.07
CA PRO B 336 10.40 11.13 25.50
C PRO B 336 11.86 11.42 25.79
N ASP B 337 12.10 12.01 26.95
CA ASP B 337 13.46 12.26 27.39
C ASP B 337 14.08 11.03 28.03
N VAL B 338 13.26 10.22 28.71
CA VAL B 338 13.71 8.96 29.30
C VAL B 338 12.64 7.93 29.02
N GLU B 339 13.06 6.75 28.58
CA GLU B 339 12.17 5.62 28.38
C GLU B 339 12.50 4.53 29.38
N LEU B 340 11.48 4.00 30.04
CA LEU B 340 11.60 2.89 30.97
C LEU B 340 10.82 1.74 30.36
N VAL B 341 11.54 0.91 29.61
CA VAL B 341 10.93 -0.16 28.82
C VAL B 341 11.07 -1.48 29.57
N GLY B 342 9.96 -2.16 29.74
CA GLY B 342 9.96 -3.44 30.42
C GLY B 342 8.63 -3.66 31.10
N ASP B 343 8.60 -4.69 31.92
CA ASP B 343 7.42 -5.03 32.70
C ASP B 343 6.98 -3.81 33.51
N ILE B 344 5.74 -3.37 33.29
CA ILE B 344 5.30 -2.13 33.93
C ILE B 344 5.28 -2.29 35.45
N ALA B 345 4.71 -3.39 35.93
CA ALA B 345 4.65 -3.61 37.37
C ALA B 345 6.04 -3.60 37.99
N GLY B 346 6.97 -4.33 37.37
CA GLY B 346 8.33 -4.35 37.88
C GLY B 346 8.96 -2.98 37.91
N THR B 347 8.75 -2.18 36.87
CA THR B 347 9.29 -0.83 36.84
C THR B 347 8.66 0.05 37.91
N LEU B 348 7.33 -0.01 38.05
CA LEU B 348 6.68 0.83 39.04
C LEU B 348 7.09 0.44 40.45
N ASN B 349 7.24 -0.86 40.71
CA ASN B 349 7.70 -1.30 42.02
C ASN B 349 9.08 -0.77 42.31
N LYS B 350 9.98 -0.82 41.32
CA LYS B 350 11.33 -0.30 41.53
C LYS B 350 11.31 1.21 41.73
N LEU B 351 10.48 1.92 40.97
CA LEU B 351 10.41 3.36 41.12
C LEU B 351 9.91 3.74 42.51
N ALA B 352 8.89 3.04 43.00
CA ALA B 352 8.33 3.35 44.31
C ALA B 352 9.38 3.21 45.40
N GLN B 353 10.28 2.23 45.25
CA GLN B 353 11.33 2.03 46.22
C GLN B 353 12.32 3.18 46.28
N ASN B 354 12.42 3.98 45.22
CA ASN B 354 13.43 5.02 45.13
C ASN B 354 12.84 6.41 45.31
N ILE B 355 11.60 6.53 45.75
CA ILE B 355 11.00 7.82 46.04
C ILE B 355 11.15 8.06 47.53
N ASP B 356 11.78 9.17 47.90
CA ASP B 356 12.16 9.43 49.28
C ASP B 356 11.10 10.18 50.08
N HIS B 357 10.15 10.85 49.42
CA HIS B 357 9.15 11.59 50.15
C HIS B 357 7.91 11.78 49.29
N ARG B 358 6.80 12.05 49.96
CA ARG B 358 5.56 12.37 49.27
C ARG B 358 5.60 13.78 48.71
N LEU B 359 4.94 13.96 47.57
CA LEU B 359 4.87 15.28 46.95
C LEU B 359 4.05 16.23 47.79
N VAL B 360 4.62 17.42 48.01
CA VAL B 360 3.86 18.58 48.49
C VAL B 360 3.36 19.29 47.26
N LEU B 361 2.04 19.34 47.07
CA LEU B 361 1.46 19.93 45.88
C LEU B 361 1.78 21.42 45.82
N SER B 362 1.96 21.93 44.60
CA SER B 362 2.05 23.36 44.42
C SER B 362 0.71 24.01 44.73
N PRO B 363 0.70 25.31 45.06
CA PRO B 363 -0.58 25.97 45.28
C PRO B 363 -1.49 25.86 44.07
N GLN B 364 -0.94 26.04 42.87
CA GLN B 364 -1.77 25.96 41.66
C GLN B 364 -2.34 24.55 41.49
N ALA B 365 -1.50 23.53 41.68
CA ALA B 365 -1.96 22.15 41.53
C ALA B 365 -3.01 21.81 42.58
N ALA B 366 -2.81 22.25 43.81
CA ALA B 366 -3.81 22.02 44.85
C ALA B 366 -5.12 22.72 44.52
N GLU B 367 -5.02 23.94 43.97
CA GLU B 367 -6.20 24.69 43.56
C GLU B 367 -6.96 23.96 42.43
N ILE B 368 -6.23 23.44 41.44
CA ILE B 368 -6.87 22.70 40.36
C ILE B 368 -7.67 21.53 40.90
N LEU B 369 -7.10 20.79 41.86
CA LEU B 369 -7.77 19.60 42.38
C LEU B 369 -8.94 19.97 43.28
N ARG B 370 -8.81 21.06 44.05
CA ARG B 370 -9.93 21.55 44.85
C ARG B 370 -11.10 21.94 43.95
N ASP B 371 -10.80 22.58 42.82
CA ASP B 371 -11.85 22.97 41.87
C ASP B 371 -12.58 21.75 41.33
N ARG B 372 -11.86 20.65 41.11
CA ARG B 372 -12.50 19.43 40.64
C ARG B 372 -13.37 18.80 41.72
N GLN B 373 -12.98 18.94 42.99
CA GLN B 373 -13.80 18.38 44.06
C GLN B 373 -15.17 19.06 44.11
N HIS B 374 -15.23 20.37 43.86
CA HIS B 374 -16.51 21.07 43.83
C HIS B 374 -17.36 20.61 42.64
N GLN B 375 -18.54 20.06 42.94
CA GLN B 375 -19.57 19.85 41.91
C GLN B 375 -20.91 19.92 42.61
N ARG B 376 -21.67 20.98 42.32
CA ARG B 376 -22.95 21.22 42.97
C ARG B 376 -23.96 20.21 42.45
N GLU B 377 -24.12 19.12 43.18
CA GLU B 377 -25.05 18.06 42.81
C GLU B 377 -26.35 18.19 43.60
N LEU B 386 -34.53 21.78 36.02
CA LEU B 386 -34.66 21.99 34.57
C LEU B 386 -35.81 21.15 34.05
N ASN B 387 -36.99 21.77 33.99
CA ASN B 387 -38.23 21.06 33.69
C ASN B 387 -38.68 21.25 32.25
N GLN B 388 -37.82 21.77 31.39
CA GLN B 388 -38.20 21.95 30.00
C GLN B 388 -38.41 20.59 29.32
N PHE B 389 -39.29 20.59 28.33
CA PHE B 389 -39.51 19.43 27.47
C PHE B 389 -39.48 19.93 26.04
N ALA B 390 -38.65 19.40 25.14
CA ALA B 390 -37.77 18.25 25.37
C ALA B 390 -36.73 18.49 26.45
N LEU B 391 -36.16 17.41 26.95
CA LEU B 391 -35.36 17.47 28.16
CA LEU B 391 -35.34 17.43 28.15
C LEU B 391 -34.00 18.11 27.89
N HIS B 392 -33.53 18.84 28.89
CA HIS B 392 -32.18 19.38 28.81
C HIS B 392 -31.16 18.26 29.03
N PRO B 393 -30.07 18.24 28.27
CA PRO B 393 -29.05 17.20 28.48
C PRO B 393 -28.63 17.00 29.93
N LEU B 394 -28.44 18.10 30.69
CA LEU B 394 -28.02 17.99 32.08
C LEU B 394 -29.06 17.26 32.93
N ARG B 395 -30.34 17.47 32.64
CA ARG B 395 -31.38 16.72 33.34
C ARG B 395 -31.26 15.23 33.05
N ILE B 396 -30.96 14.86 31.80
CA ILE B 396 -30.84 13.45 31.46
C ILE B 396 -29.63 12.84 32.15
N VAL B 397 -28.50 13.56 32.12
CA VAL B 397 -27.29 13.08 32.77
C VAL B 397 -27.56 12.83 34.24
N ARG B 398 -28.24 13.78 34.89
CA ARG B 398 -28.46 13.66 36.33
C ARG B 398 -29.37 12.48 36.64
N ALA B 399 -30.40 12.26 35.82
CA ALA B 399 -31.28 11.12 36.03
C ALA B 399 -30.54 9.80 35.78
N MET B 400 -29.67 9.76 34.76
CA MET B 400 -28.88 8.56 34.54
C MET B 400 -27.97 8.25 35.73
N GLN B 401 -27.40 9.29 36.34
CA GLN B 401 -26.52 9.06 37.48
C GLN B 401 -27.27 8.44 38.66
N ASP B 402 -28.59 8.62 38.73
CA ASP B 402 -29.38 7.98 39.78
C ASP B 402 -29.50 6.49 39.57
N ILE B 403 -29.71 6.03 38.34
CA ILE B 403 -29.95 4.61 38.12
C ILE B 403 -28.66 3.81 37.93
N VAL B 404 -27.57 4.47 37.53
CA VAL B 404 -26.30 3.78 37.30
C VAL B 404 -25.53 3.80 38.63
N ASN B 405 -25.56 2.68 39.35
CA ASN B 405 -24.78 2.58 40.59
C ASN B 405 -23.57 1.66 40.39
N SER B 406 -22.79 1.49 41.45
CA SER B 406 -21.54 0.75 41.33
C SER B 406 -21.74 -0.66 40.82
N ASP B 407 -22.94 -1.22 40.96
CA ASP B 407 -23.24 -2.55 40.49
C ASP B 407 -23.62 -2.61 39.01
N VAL B 408 -23.68 -1.47 38.33
CA VAL B 408 -24.21 -1.37 36.98
C VAL B 408 -23.08 -1.03 36.03
N THR B 409 -23.01 -1.72 34.90
CA THR B 409 -22.09 -1.36 33.84
C THR B 409 -22.76 -0.37 32.90
N LEU B 410 -22.00 0.61 32.44
CA LEU B 410 -22.49 1.63 31.52
C LEU B 410 -21.71 1.56 30.22
N THR B 411 -22.43 1.52 29.09
CA THR B 411 -21.81 1.61 27.78
C THR B 411 -22.39 2.80 27.04
N VAL B 412 -21.55 3.47 26.25
CA VAL B 412 -21.88 4.77 25.67
C VAL B 412 -21.50 4.78 24.20
N ASP B 413 -22.45 5.17 23.35
CA ASP B 413 -22.26 5.24 21.90
C ASP B 413 -21.58 6.57 21.55
N MET B 414 -21.59 6.93 20.27
CA MET B 414 -20.99 8.17 19.79
C MET B 414 -22.06 9.14 19.26
N GLY B 415 -21.88 10.41 19.61
CA GLY B 415 -22.81 11.47 19.30
C GLY B 415 -22.69 12.54 20.38
N SER B 416 -23.54 13.56 20.28
CA SER B 416 -23.41 14.68 21.21
C SER B 416 -23.62 14.25 22.66
N PHE B 417 -24.54 13.31 22.90
CA PHE B 417 -24.78 12.81 24.26
C PHE B 417 -23.51 12.26 24.89
N HIS B 418 -22.63 11.66 24.07
CA HIS B 418 -21.35 11.14 24.56
C HIS B 418 -20.55 12.24 25.23
N ILE B 419 -20.57 13.45 24.65
CA ILE B 419 -19.81 14.55 25.20
C ILE B 419 -20.39 14.98 26.55
N TRP B 420 -21.72 15.06 26.63
CA TRP B 420 -22.36 15.38 27.90
C TRP B 420 -21.98 14.36 28.97
N ILE B 421 -22.04 13.08 28.63
CA ILE B 421 -21.77 12.06 29.63
C ILE B 421 -20.31 12.11 30.03
N ALA B 422 -19.42 12.25 29.05
CA ALA B 422 -18.00 12.37 29.38
C ALA B 422 -17.75 13.58 30.27
N ARG B 423 -18.44 14.69 30.01
CA ARG B 423 -18.18 15.91 30.76
C ARG B 423 -18.48 15.72 32.25
N TYR B 424 -19.43 14.85 32.59
CA TYR B 424 -19.80 14.63 33.99
C TYR B 424 -19.51 13.19 34.41
N LEU B 425 -18.52 12.56 33.78
CA LEU B 425 -18.19 11.18 34.09
C LEU B 425 -17.75 11.03 35.53
N TYR B 426 -17.20 12.11 36.11
CA TYR B 426 -16.75 12.05 37.48
C TYR B 426 -17.88 11.82 38.47
N SER B 427 -19.13 12.06 38.11
CA SER B 427 -20.23 11.85 39.04
C SER B 427 -21.06 10.62 38.71
N PHE B 428 -20.58 9.78 37.79
CA PHE B 428 -21.10 8.45 37.62
C PHE B 428 -20.33 7.50 38.53
N ARG B 429 -21.05 6.65 39.26
CA ARG B 429 -20.41 5.74 40.20
C ARG B 429 -20.41 4.30 39.69
N ALA B 430 -20.66 4.09 38.41
CA ALA B 430 -20.39 2.79 37.82
C ALA B 430 -18.89 2.54 37.81
N ARG B 431 -18.48 1.37 38.29
CA ARG B 431 -17.08 1.00 38.23
C ARG B 431 -16.69 0.42 36.87
N GLN B 432 -17.65 0.11 36.02
CA GLN B 432 -17.37 -0.46 34.70
C GLN B 432 -18.06 0.44 33.69
N VAL B 433 -17.26 1.18 32.92
CA VAL B 433 -17.78 2.08 31.89
C VAL B 433 -17.03 1.84 30.59
N MET B 434 -17.79 1.59 29.52
CA MET B 434 -17.25 1.46 28.17
C MET B 434 -17.66 2.70 27.40
N ILE B 435 -16.72 3.63 27.23
CA ILE B 435 -17.02 4.88 26.54
C ILE B 435 -15.93 5.20 25.53
N SER B 436 -14.68 4.86 25.85
CA SER B 436 -13.55 5.17 24.99
C SER B 436 -13.82 4.73 23.55
N ASN B 437 -13.61 5.64 22.59
CA ASN B 437 -13.99 5.37 21.21
C ASN B 437 -13.27 6.33 20.29
N GLY B 438 -11.97 6.12 20.10
CA GLY B 438 -11.17 7.08 19.34
C GLY B 438 -11.55 7.15 17.88
N GLN B 439 -12.00 6.04 17.30
CA GLN B 439 -12.46 6.02 15.91
C GLN B 439 -13.86 6.60 15.78
N GLN B 440 -14.54 6.81 16.91
CA GLN B 440 -15.85 7.47 16.97
C GLN B 440 -16.91 6.65 16.23
N THR B 441 -16.80 5.33 16.34
CA THR B 441 -17.73 4.43 15.68
C THR B 441 -19.11 4.47 16.32
N MET B 442 -20.12 4.76 15.48
CA MET B 442 -21.52 4.69 15.89
C MET B 442 -21.98 3.23 15.98
N GLY B 443 -22.94 3.00 16.88
CA GLY B 443 -23.60 1.71 17.00
C GLY B 443 -23.02 0.79 18.05
N VAL B 444 -21.94 1.20 18.73
CA VAL B 444 -21.21 0.30 19.62
C VAL B 444 -21.95 -0.03 20.91
N ALA B 445 -22.82 0.85 21.41
CA ALA B 445 -23.22 0.76 22.81
C ALA B 445 -24.06 -0.48 23.10
N LEU B 446 -25.12 -0.72 22.31
CA LEU B 446 -25.93 -1.90 22.59
C LEU B 446 -25.12 -3.19 22.45
N PRO B 447 -24.36 -3.40 21.39
CA PRO B 447 -23.57 -4.64 21.34
C PRO B 447 -22.53 -4.75 22.44
N TRP B 448 -21.88 -3.65 22.81
CA TRP B 448 -20.95 -3.71 23.94
C TRP B 448 -21.68 -4.17 25.19
N ALA B 449 -22.92 -3.69 25.37
CA ALA B 449 -23.66 -4.03 26.57
C ALA B 449 -24.04 -5.50 26.57
N ILE B 450 -24.42 -6.05 25.43
CA ILE B 450 -24.74 -7.47 25.37
C ILE B 450 -23.51 -8.32 25.68
N GLY B 451 -22.36 -7.95 25.11
CA GLY B 451 -21.14 -8.67 25.42
C GLY B 451 -20.79 -8.59 26.91
N ALA B 452 -20.88 -7.40 27.47
CA ALA B 452 -20.57 -7.25 28.90
C ALA B 452 -21.51 -8.07 29.75
N TRP B 453 -22.80 -8.08 29.42
CA TRP B 453 -23.77 -8.84 30.20
C TRP B 453 -23.44 -10.32 30.15
N LEU B 454 -23.05 -10.84 28.99
CA LEU B 454 -22.71 -12.25 28.88
C LEU B 454 -21.55 -12.60 29.79
N VAL B 455 -20.62 -11.68 30.03
CA VAL B 455 -19.51 -11.99 30.93
C VAL B 455 -19.98 -12.02 32.39
N ASN B 456 -20.86 -11.10 32.78
CA ASN B 456 -21.38 -11.04 34.15
C ASN B 456 -22.90 -10.91 34.09
N PRO B 457 -23.61 -12.01 33.82
CA PRO B 457 -25.07 -11.91 33.62
C PRO B 457 -25.83 -11.60 34.89
N GLU B 458 -25.17 -11.63 36.05
CA GLU B 458 -25.84 -11.28 37.30
C GLU B 458 -25.97 -9.77 37.50
N ARG B 459 -25.39 -8.95 36.61
CA ARG B 459 -25.38 -7.50 36.75
C ARG B 459 -26.16 -6.85 35.62
N LYS B 460 -26.82 -5.75 35.95
CA LYS B 460 -27.47 -4.91 34.94
C LYS B 460 -26.44 -4.13 34.12
N VAL B 461 -26.75 -3.94 32.83
CA VAL B 461 -26.00 -3.05 31.97
C VAL B 461 -26.95 -1.97 31.47
N VAL B 462 -26.48 -0.72 31.46
CA VAL B 462 -27.19 0.40 30.86
C VAL B 462 -26.36 0.85 29.65
N SER B 463 -26.97 0.82 28.47
CA SER B 463 -26.34 1.32 27.26
C SER B 463 -27.07 2.59 26.81
N VAL B 464 -26.33 3.52 26.23
CA VAL B 464 -26.90 4.80 25.86
C VAL B 464 -26.40 5.19 24.47
N SER B 465 -27.32 5.64 23.62
CA SER B 465 -26.95 6.09 22.30
C SER B 465 -27.86 7.23 21.89
N GLY B 466 -27.52 7.82 20.73
CA GLY B 466 -28.45 8.68 20.02
C GLY B 466 -29.33 7.86 19.09
N ASP B 467 -30.24 8.56 18.40
CA ASP B 467 -31.10 7.84 17.47
C ASP B 467 -30.35 7.39 16.21
N GLY B 468 -29.31 8.14 15.80
CA GLY B 468 -28.50 7.68 14.70
C GLY B 468 -27.74 6.40 15.01
N GLY B 469 -27.00 6.40 16.13
CA GLY B 469 -26.26 5.20 16.50
C GLY B 469 -27.17 4.04 16.83
N PHE B 470 -28.33 4.32 17.46
CA PHE B 470 -29.26 3.25 17.80
C PHE B 470 -29.60 2.43 16.59
N LEU B 471 -29.98 3.08 15.49
CA LEU B 471 -30.47 2.34 14.35
C LEU B 471 -29.36 1.65 13.57
N GLN B 472 -28.08 1.91 13.88
CA GLN B 472 -27.02 1.18 13.20
C GLN B 472 -26.78 -0.20 13.80
N SER B 473 -27.21 -0.44 15.04
CA SER B 473 -27.05 -1.75 15.66
C SER B 473 -28.32 -2.27 16.35
N SER B 474 -29.47 -1.62 16.18
CA SER B 474 -30.67 -2.02 16.92
C SER B 474 -31.19 -3.40 16.52
N MET B 475 -30.76 -3.94 15.38
CA MET B 475 -31.12 -5.32 15.05
C MET B 475 -30.72 -6.29 16.16
N GLU B 476 -29.74 -5.94 16.98
CA GLU B 476 -29.33 -6.84 18.06
C GLU B 476 -30.27 -6.80 19.25
N LEU B 477 -31.32 -5.96 19.21
CA LEU B 477 -32.37 -6.11 20.20
C LEU B 477 -32.99 -7.49 20.15
N GLU B 478 -33.08 -8.10 18.96
CA GLU B 478 -33.60 -9.47 18.89
C GLU B 478 -32.66 -10.43 19.61
N THR B 479 -31.34 -10.27 19.39
CA THR B 479 -30.36 -11.06 20.11
C THR B 479 -30.49 -10.89 21.62
N ALA B 480 -30.71 -9.65 22.06
CA ALA B 480 -30.85 -9.38 23.49
C ALA B 480 -32.09 -10.06 24.06
N VAL B 481 -33.21 -9.99 23.34
CA VAL B 481 -34.43 -10.66 23.80
C VAL B 481 -34.22 -12.16 23.85
N ARG B 482 -33.59 -12.71 22.80
CA ARG B 482 -33.36 -14.15 22.72
C ARG B 482 -32.45 -14.62 23.84
N LEU B 483 -31.44 -13.82 24.19
CA LEU B 483 -30.54 -14.14 25.30
C LEU B 483 -31.11 -13.83 26.66
N LYS B 484 -32.22 -13.07 26.72
CA LYS B 484 -32.75 -12.55 27.99
C LYS B 484 -31.73 -11.68 28.70
N ALA B 485 -31.01 -10.88 27.92
CA ALA B 485 -29.95 -10.04 28.48
C ALA B 485 -30.55 -8.90 29.28
N ASN B 486 -29.98 -8.66 30.47
CA ASN B 486 -30.51 -7.65 31.38
C ASN B 486 -29.89 -6.29 31.03
N VAL B 487 -30.31 -5.78 29.87
CA VAL B 487 -29.76 -4.55 29.31
C VAL B 487 -30.87 -3.51 29.18
N LEU B 488 -30.61 -2.32 29.69
CA LEU B 488 -31.48 -1.17 29.52
C LEU B 488 -30.78 -0.21 28.57
N HIS B 489 -31.42 0.06 27.43
CA HIS B 489 -30.88 0.96 26.42
C HIS B 489 -31.65 2.26 26.42
N LEU B 490 -30.92 3.38 26.53
CA LEU B 490 -31.50 4.71 26.49
C LEU B 490 -31.15 5.39 25.17
N ILE B 491 -32.14 5.99 24.51
CA ILE B 491 -31.96 6.74 23.28
C ILE B 491 -32.19 8.22 23.58
N TRP B 492 -31.17 9.05 23.35
CA TRP B 492 -31.40 10.48 23.29
C TRP B 492 -31.93 10.85 21.91
N VAL B 493 -33.16 11.35 21.83
CA VAL B 493 -33.87 11.51 20.55
C VAL B 493 -33.92 12.98 20.16
N ASP B 494 -33.29 13.32 19.02
CA ASP B 494 -33.37 14.65 18.44
C ASP B 494 -33.80 14.62 16.98
N ASN B 495 -33.96 13.43 16.40
CA ASN B 495 -34.33 13.26 14.99
C ASN B 495 -33.26 13.83 14.07
N GLY B 496 -32.01 13.60 14.42
CA GLY B 496 -30.94 14.06 13.55
C GLY B 496 -29.59 13.54 14.02
N TYR B 497 -28.58 13.93 13.26
CA TYR B 497 -27.18 13.65 13.59
C TYR B 497 -26.62 14.92 14.22
N ASN B 498 -26.86 15.11 15.52
CA ASN B 498 -26.61 16.44 16.10
C ASN B 498 -25.13 16.77 16.16
N MET B 499 -24.27 15.81 16.52
CA MET B 499 -22.86 16.14 16.67
C MET B 499 -22.30 16.74 15.38
N VAL B 500 -22.80 16.27 14.23
CA VAL B 500 -22.38 16.83 12.95
C VAL B 500 -23.02 18.19 12.73
N ALA B 501 -24.29 18.32 13.08
CA ALA B 501 -25.01 19.59 12.90
C ALA B 501 -24.32 20.73 13.64
N ILE B 502 -23.82 20.50 14.85
CA ILE B 502 -23.22 21.58 15.64
C ILE B 502 -22.04 22.18 14.90
N GLN B 503 -21.19 21.32 14.33
CA GLN B 503 -20.01 21.80 13.63
C GLN B 503 -20.37 22.46 12.31
N GLU B 504 -21.41 21.95 11.63
CA GLU B 504 -21.85 22.61 10.40
C GLU B 504 -22.38 24.00 10.69
N GLU B 505 -23.17 24.14 11.75
CA GLU B 505 -23.69 25.44 12.14
C GLU B 505 -22.56 26.40 12.49
N LYS B 506 -21.55 25.92 13.20
CA LYS B 506 -20.44 26.78 13.62
C LYS B 506 -19.64 27.24 12.42
N LYS B 507 -19.40 26.36 11.46
CA LYS B 507 -18.55 26.68 10.31
C LYS B 507 -19.31 27.40 9.19
N TYR B 508 -20.56 27.03 8.95
CA TYR B 508 -21.28 27.45 7.74
C TYR B 508 -22.60 28.15 8.03
N GLN B 509 -23.07 28.10 9.27
CA GLN B 509 -24.35 28.70 9.69
CA GLN B 509 -24.32 28.74 9.63
C GLN B 509 -25.51 28.15 8.87
N ARG B 510 -25.41 26.88 8.48
CA ARG B 510 -26.50 26.18 7.81
C ARG B 510 -26.21 24.69 7.90
N LEU B 511 -27.24 23.89 7.71
CA LEU B 511 -27.16 22.45 7.92
C LEU B 511 -27.34 21.67 6.62
N SER B 512 -26.67 20.52 6.55
CA SER B 512 -26.75 19.65 5.39
C SER B 512 -26.58 18.19 5.81
N GLY B 513 -27.56 17.37 5.43
CA GLY B 513 -27.49 15.94 5.66
C GLY B 513 -27.63 15.47 7.09
N VAL B 514 -28.19 16.27 7.99
CA VAL B 514 -28.17 15.96 9.42
C VAL B 514 -29.56 15.81 10.03
N GLU B 515 -30.63 15.93 9.24
CA GLU B 515 -31.98 15.85 9.77
C GLU B 515 -32.71 14.65 9.18
N PHE B 516 -33.43 13.91 10.02
CA PHE B 516 -34.26 12.82 9.54
C PHE B 516 -35.57 12.80 10.30
N GLY B 517 -36.41 11.81 10.00
CA GLY B 517 -37.77 11.80 10.51
C GLY B 517 -37.88 11.12 11.86
N PRO B 518 -39.05 11.23 12.48
CA PRO B 518 -39.27 10.65 13.81
C PRO B 518 -39.71 9.19 13.74
N MET B 519 -39.59 8.53 14.89
CA MET B 519 -39.97 7.14 15.04
C MET B 519 -40.64 6.95 16.40
N ASP B 520 -41.45 5.89 16.48
CA ASP B 520 -42.13 5.50 17.72
C ASP B 520 -41.26 4.42 18.37
N PHE B 521 -40.28 4.85 19.15
CA PHE B 521 -39.28 3.90 19.65
C PHE B 521 -39.86 2.96 20.69
N LYS B 522 -40.87 3.38 21.44
CA LYS B 522 -41.54 2.46 22.35
C LYS B 522 -42.09 1.27 21.58
N ALA B 523 -42.88 1.54 20.54
CA ALA B 523 -43.45 0.47 19.72
C ALA B 523 -42.37 -0.30 18.99
N TYR B 524 -41.33 0.40 18.52
CA TYR B 524 -40.20 -0.26 17.90
C TYR B 524 -39.63 -1.35 18.80
N ALA B 525 -39.34 -0.99 20.06
CA ALA B 525 -38.75 -1.95 20.99
C ALA B 525 -39.71 -3.09 21.28
N GLU B 526 -40.99 -2.79 21.43
CA GLU B 526 -41.95 -3.82 21.78
C GLU B 526 -42.12 -4.84 20.66
N SER B 527 -41.89 -4.44 19.40
CA SER B 527 -42.03 -5.37 18.29
C SER B 527 -40.98 -6.46 18.33
N PHE B 528 -39.90 -6.24 19.08
CA PHE B 528 -38.91 -7.26 19.35
C PHE B 528 -39.28 -8.16 20.53
N GLY B 529 -40.30 -7.82 21.31
CA GLY B 529 -40.54 -8.49 22.58
C GLY B 529 -39.75 -7.92 23.73
N ALA B 530 -39.11 -6.78 23.54
CA ALA B 530 -38.52 -6.04 24.65
C ALA B 530 -39.57 -5.13 25.25
N LYS B 531 -39.27 -4.62 26.44
CA LYS B 531 -40.14 -3.64 27.05
C LYS B 531 -39.75 -2.26 26.54
N GLY B 532 -40.75 -1.47 26.15
CA GLY B 532 -40.53 -0.17 25.56
C GLY B 532 -41.12 0.94 26.41
N PHE B 533 -40.46 2.10 26.40
CA PHE B 533 -40.90 3.26 27.12
C PHE B 533 -40.57 4.51 26.29
N ALA B 534 -41.40 5.53 26.43
CA ALA B 534 -41.13 6.83 25.82
C ALA B 534 -41.42 7.92 26.84
N VAL B 535 -40.45 8.79 27.07
CA VAL B 535 -40.61 9.90 28.02
C VAL B 535 -41.35 11.03 27.33
N GLU B 536 -42.54 11.36 27.82
CA GLU B 536 -43.39 12.37 27.18
C GLU B 536 -43.46 13.68 27.96
N SER B 537 -42.84 13.76 29.13
CA SER B 537 -42.75 15.01 29.86
C SER B 537 -41.49 14.96 30.71
N ALA B 538 -41.02 16.14 31.12
CA ALA B 538 -39.85 16.20 31.98
C ALA B 538 -40.10 15.43 33.27
N GLU B 539 -41.28 15.62 33.85
CA GLU B 539 -41.60 15.00 35.13
C GLU B 539 -41.56 13.48 35.05
N ALA B 540 -41.79 12.93 33.85
CA ALA B 540 -41.86 11.48 33.69
C ALA B 540 -40.50 10.82 33.53
N LEU B 541 -39.43 11.60 33.41
CA LEU B 541 -38.12 11.04 33.10
C LEU B 541 -37.68 10.04 34.17
N GLU B 542 -37.54 10.52 35.41
CA GLU B 542 -37.00 9.68 36.47
C GLU B 542 -37.88 8.47 36.76
N PRO B 543 -39.20 8.58 36.88
CA PRO B 543 -40.01 7.38 37.11
C PRO B 543 -39.95 6.39 35.95
N THR B 544 -39.82 6.87 34.71
CA THR B 544 -39.71 5.97 33.58
C THR B 544 -38.39 5.21 33.63
N LEU B 545 -37.29 5.91 33.91
CA LEU B 545 -36.00 5.24 34.06
C LEU B 545 -36.04 4.20 35.16
N ARG B 546 -36.64 4.53 36.32
CA ARG B 546 -36.72 3.55 37.39
C ARG B 546 -37.53 2.33 36.97
N ALA B 547 -38.63 2.54 36.25
CA ALA B 547 -39.47 1.41 35.82
C ALA B 547 -38.74 0.54 34.81
N ALA B 548 -38.02 1.16 33.87
CA ALA B 548 -37.28 0.38 32.89
C ALA B 548 -36.12 -0.35 33.54
N MET B 549 -35.52 0.26 34.56
CA MET B 549 -34.45 -0.38 35.30
C MET B 549 -34.95 -1.62 36.04
N ASP B 550 -36.19 -1.57 36.55
CA ASP B 550 -36.73 -2.69 37.31
C ASP B 550 -37.15 -3.87 36.44
N VAL B 551 -37.27 -3.67 35.12
CA VAL B 551 -37.50 -4.77 34.20
C VAL B 551 -36.33 -5.74 34.24
N ASP B 552 -36.63 -7.04 34.30
CA ASP B 552 -35.60 -8.07 34.31
C ASP B 552 -35.50 -8.64 32.91
N GLY B 553 -34.77 -7.93 32.06
CA GLY B 553 -34.65 -8.29 30.67
C GLY B 553 -34.49 -7.02 29.87
N PRO B 554 -34.42 -7.15 28.54
CA PRO B 554 -34.14 -5.98 27.70
C PRO B 554 -35.26 -4.95 27.74
N ALA B 555 -34.87 -3.68 27.82
CA ALA B 555 -35.81 -2.58 27.74
C ALA B 555 -35.16 -1.40 27.03
N VAL B 556 -35.98 -0.59 26.39
CA VAL B 556 -35.53 0.59 25.65
C VAL B 556 -36.35 1.77 26.12
N VAL B 557 -35.68 2.90 26.38
CA VAL B 557 -36.36 4.14 26.77
C VAL B 557 -35.95 5.22 25.78
N ALA B 558 -36.94 5.86 25.13
CA ALA B 558 -36.70 7.01 24.27
C ALA B 558 -36.84 8.30 25.08
N ILE B 559 -35.85 9.17 24.97
CA ILE B 559 -35.79 10.41 25.74
C ILE B 559 -35.61 11.56 24.77
N PRO B 560 -36.67 12.32 24.50
CA PRO B 560 -36.53 13.51 23.66
C PRO B 560 -35.62 14.52 24.34
N VAL B 561 -34.66 15.05 23.59
CA VAL B 561 -33.63 15.93 24.13
C VAL B 561 -33.62 17.25 23.37
N ASP B 562 -33.42 18.34 24.10
CA ASP B 562 -33.30 19.68 23.55
C ASP B 562 -31.82 20.04 23.53
N TYR B 563 -31.23 20.06 22.34
CA TYR B 563 -29.79 20.24 22.18
C TYR B 563 -29.39 21.71 21.99
N ARG B 564 -30.26 22.64 22.34
CA ARG B 564 -29.98 24.06 22.08
C ARG B 564 -28.63 24.50 22.65
N ASP B 565 -28.28 24.03 23.84
CA ASP B 565 -27.08 24.49 24.54
C ASP B 565 -25.80 23.84 24.04
N ASN B 566 -25.89 22.90 23.10
CA ASN B 566 -24.71 22.14 22.74
C ASN B 566 -23.55 22.99 22.24
N PRO B 567 -23.75 24.03 21.45
CA PRO B 567 -22.62 24.86 21.05
C PRO B 567 -21.76 25.31 22.23
N LEU B 568 -22.36 25.53 23.40
CA LEU B 568 -21.58 25.96 24.55
C LEU B 568 -20.67 24.85 25.07
N LEU B 569 -21.08 23.61 24.92
CA LEU B 569 -20.24 22.50 25.38
C LEU B 569 -19.11 22.22 24.40
N MET B 570 -19.36 22.36 23.11
CA MET B 570 -18.34 21.95 22.15
C MET B 570 -17.14 22.90 22.12
N GLY B 571 -17.31 24.16 22.56
CA GLY B 571 -16.17 25.05 22.73
C GLY B 571 -15.18 24.62 23.80
N GLN B 572 -15.53 23.59 24.56
CA GLN B 572 -14.65 23.03 25.57
C GLN B 572 -13.91 21.80 25.06
N LEU B 573 -14.05 21.50 23.76
CA LEU B 573 -13.54 20.30 23.14
C LEU B 573 -12.33 20.59 22.27
N HIS B 574 -11.47 19.59 22.12
CA HIS B 574 -10.50 19.57 21.04
C HIS B 574 -11.25 19.25 19.75
N LEU B 575 -11.67 20.28 19.01
CA LEU B 575 -12.61 20.06 17.91
C LEU B 575 -11.97 19.32 16.74
N SER B 576 -10.66 19.45 16.55
CA SER B 576 -10.02 18.83 15.40
C SER B 576 -10.02 17.30 15.47
N GLN B 577 -10.28 16.72 16.65
CA GLN B 577 -10.31 15.26 16.79
C GLN B 577 -11.56 14.63 16.21
N ILE B 578 -12.66 15.39 16.09
CA ILE B 578 -13.92 14.83 15.60
C ILE B 578 -13.80 14.47 14.13
N LEU B 579 -14.14 13.23 13.80
CA LEU B 579 -14.11 12.72 12.43
C LEU B 579 -15.38 13.12 11.66
#